data_4B4H
#
_entry.id   4B4H
#
_cell.length_a   42.750
_cell.length_b   93.350
_cell.length_c   96.590
_cell.angle_alpha   90.00
_cell.angle_beta   90.02
_cell.angle_gamma   90.00
#
_symmetry.space_group_name_H-M   'P 1 21 1'
#
loop_
_entity.id
_entity.type
_entity.pdbx_description
1 polymer BETA-1,4-EXOCELLULASE
2 water water
#
_entity_poly.entity_id   1
_entity_poly.type   'polypeptide(L)'
_entity_poly.pdbx_seq_one_letter_code
;EKVDNPFEGAKLYVNPVWSAKAAAEPGGSAVANESTAVWLDRIGAIEGNDSPTTGSMGLRDHLEEAVRQSGGDPLTIQVV
IYNLPGRDCAALASNGELGPDELDRYKSEYIDPIADIMWDFADYENLRIVAIIEIDSLPNLVTNVGGNGGTELCAYMKQN
GGYVNGVGYALRKLGEIPNVYNYIDAAHHGWIGWDSNFGPSVDIFYEAANASGSTVDYVHGFISNTANYSATVEPYLDVN
GTVNGQLIRQSKWVDWNQYVDELSFVQDLRQALIAKGFRSDIGMLIDTSRNGWGGPNRPTGPSSSTDLNTYVDESRIDRR
IHPGNWCNQAGAGLGERPTVNPAPGVDAYVWVKPPGESDGASEEIPNDEGKGFDRMCDPTYQGNARNGNNPSGALPNAPI
SGHWFSAQFRELLANAYPPL
;
_entity_poly.pdbx_strand_id   A,B
#
# COMPACT_ATOMS: atom_id res chain seq x y z
N GLU A 1 -3.44 -5.47 29.08
CA GLU A 1 -4.44 -4.43 28.75
C GLU A 1 -4.90 -4.57 27.30
N LYS A 2 -4.07 -4.07 26.39
CA LYS A 2 -4.42 -3.98 24.97
C LYS A 2 -5.58 -3.00 24.86
N VAL A 3 -5.71 -2.34 23.71
CA VAL A 3 -6.83 -1.40 23.52
C VAL A 3 -8.20 -2.08 23.67
N ASP A 4 -9.16 -1.28 24.12
CA ASP A 4 -10.55 -1.71 24.33
C ASP A 4 -11.18 -2.29 23.05
N ASN A 5 -10.80 -1.73 21.90
CA ASN A 5 -11.35 -2.12 20.62
C ASN A 5 -10.24 -1.95 19.60
N PRO A 6 -9.69 -3.06 19.10
CA PRO A 6 -8.53 -2.89 18.23
C PRO A 6 -8.85 -2.19 16.90
N PHE A 7 -10.13 -2.17 16.52
CA PHE A 7 -10.58 -1.50 15.31
C PHE A 7 -10.76 0.00 15.48
N GLU A 8 -10.85 0.44 16.74
CA GLU A 8 -11.08 1.85 17.05
C GLU A 8 -9.83 2.69 16.78
N GLY A 9 -10.00 3.76 16.00
CA GLY A 9 -8.89 4.66 15.65
C GLY A 9 -7.73 4.02 14.91
N ALA A 10 -8.04 2.98 14.12
CA ALA A 10 -7.03 2.27 13.36
C ALA A 10 -7.37 2.26 11.87
N LYS A 11 -6.35 2.35 11.03
CA LYS A 11 -6.47 1.98 9.63
C LYS A 11 -6.63 0.46 9.54
N LEU A 12 -7.26 -0.02 8.49
CA LEU A 12 -7.41 -1.47 8.30
C LEU A 12 -6.53 -1.97 7.15
N TYR A 13 -5.89 -3.12 7.37
CA TYR A 13 -5.07 -3.78 6.35
C TYR A 13 -5.83 -4.01 5.04
N VAL A 14 -5.16 -3.78 3.91
CA VAL A 14 -5.70 -4.17 2.60
C VAL A 14 -4.77 -5.24 2.01
N ASN A 15 -5.32 -6.41 1.72
CA ASN A 15 -4.53 -7.53 1.22
C ASN A 15 -4.27 -7.33 -0.26
N PRO A 16 -2.99 -7.08 -0.63
CA PRO A 16 -2.69 -6.76 -2.02
C PRO A 16 -3.07 -7.89 -2.96
N VAL A 17 -2.89 -9.13 -2.50
CA VAL A 17 -3.26 -10.32 -3.27
C VAL A 17 -4.75 -10.29 -3.61
N TRP A 18 -5.61 -10.24 -2.59
CA TRP A 18 -7.06 -10.15 -2.81
C TRP A 18 -7.45 -8.95 -3.63
N SER A 19 -6.89 -7.79 -3.29
CA SER A 19 -7.23 -6.56 -3.98
C SER A 19 -7.06 -6.65 -5.50
N ALA A 20 -6.00 -7.33 -5.94
CA ALA A 20 -5.67 -7.43 -7.36
C ALA A 20 -6.69 -8.27 -8.13
N LYS A 21 -7.30 -9.25 -7.47
CA LYS A 21 -8.34 -10.06 -8.11
C LYS A 21 -9.70 -9.33 -8.17
N ALA A 22 -9.97 -8.51 -7.17
CA ALA A 22 -11.21 -7.74 -7.08
C ALA A 22 -11.23 -6.61 -8.11
N ALA A 23 -10.12 -5.86 -8.17
CA ALA A 23 -9.99 -4.73 -9.11
C ALA A 23 -9.99 -5.18 -10.57
N ALA A 24 -9.64 -6.45 -10.81
CA ALA A 24 -9.60 -7.01 -12.16
C ALA A 24 -10.98 -7.33 -12.74
N GLU A 25 -11.95 -7.54 -11.86
CA GLU A 25 -13.32 -7.80 -12.30
C GLU A 25 -14.01 -6.50 -12.67
N PRO A 26 -14.88 -6.54 -13.71
CA PRO A 26 -15.63 -5.33 -14.08
C PRO A 26 -16.31 -4.70 -12.87
N GLY A 27 -15.90 -3.49 -12.54
CA GLY A 27 -16.47 -2.75 -11.41
C GLY A 27 -15.89 -3.13 -10.06
N GLY A 28 -14.97 -4.08 -10.06
CA GLY A 28 -14.34 -4.57 -8.83
C GLY A 28 -13.50 -3.54 -8.09
N SER A 29 -13.06 -2.50 -8.77
CA SER A 29 -12.24 -1.47 -8.10
C SER A 29 -12.98 -0.79 -6.96
N ALA A 30 -14.31 -0.75 -7.05
CA ALA A 30 -15.19 -0.13 -6.06
C ALA A 30 -15.03 -0.75 -4.66
N VAL A 31 -14.62 -2.01 -4.63
CA VAL A 31 -14.43 -2.70 -3.36
C VAL A 31 -13.02 -3.24 -3.18
N ALA A 32 -12.12 -3.00 -4.14
CA ALA A 32 -10.80 -3.60 -4.05
C ALA A 32 -9.92 -3.03 -2.94
N ASN A 33 -10.33 -1.90 -2.35
CA ASN A 33 -9.63 -1.24 -1.25
CA ASN A 33 -9.57 -1.32 -1.24
C ASN A 33 -10.22 -1.59 0.12
N GLU A 34 -11.07 -2.61 0.17
CA GLU A 34 -11.67 -3.02 1.43
C GLU A 34 -10.73 -3.98 2.13
N SER A 35 -10.79 -3.99 3.46
CA SER A 35 -9.99 -4.90 4.30
C SER A 35 -10.61 -6.30 4.38
N THR A 36 -9.78 -7.32 4.14
CA THR A 36 -10.17 -8.74 4.25
C THR A 36 -9.14 -9.47 5.12
N ALA A 37 -9.59 -10.52 5.80
CA ALA A 37 -8.70 -11.27 6.66
C ALA A 37 -7.75 -12.15 5.86
N VAL A 38 -6.58 -12.41 6.41
CA VAL A 38 -5.64 -13.34 5.80
C VAL A 38 -5.90 -14.68 6.47
N TRP A 39 -6.14 -15.71 5.66
CA TRP A 39 -6.52 -17.03 6.18
C TRP A 39 -5.35 -17.97 6.30
N LEU A 40 -5.04 -18.37 7.52
CA LEU A 40 -4.01 -19.41 7.70
C LEU A 40 -4.72 -20.75 7.91
N ASP A 41 -5.15 -21.33 6.79
CA ASP A 41 -6.02 -22.50 6.81
C ASP A 41 -5.26 -23.79 6.60
N ARG A 42 -3.93 -23.70 6.60
CA ARG A 42 -3.07 -24.88 6.53
CA ARG A 42 -3.05 -24.87 6.44
C ARG A 42 -1.65 -24.48 6.91
N ILE A 43 -0.83 -25.46 7.27
CA ILE A 43 0.55 -25.22 7.71
C ILE A 43 1.34 -24.39 6.68
N GLY A 44 1.09 -24.63 5.40
CA GLY A 44 1.86 -24.01 4.32
C GLY A 44 1.59 -22.53 4.12
N ALA A 45 0.50 -22.04 4.70
CA ALA A 45 0.13 -20.64 4.58
C ALA A 45 0.99 -19.75 5.48
N ILE A 46 1.65 -20.37 6.46
CA ILE A 46 2.42 -19.63 7.45
C ILE A 46 3.64 -19.00 6.79
N GLU A 47 4.47 -19.85 6.18
CA GLU A 47 5.59 -19.40 5.37
C GLU A 47 5.19 -18.95 3.96
N GLY A 48 4.01 -19.37 3.52
CA GLY A 48 3.51 -19.07 2.18
C GLY A 48 4.31 -19.74 1.09
N ASN A 49 5.46 -20.30 1.47
CA ASN A 49 6.38 -21.01 0.60
C ASN A 49 6.50 -20.42 -0.81
N MET A 57 2.59 -14.82 -0.50
CA MET A 57 2.71 -14.09 0.76
C MET A 57 2.44 -15.00 1.96
N GLY A 58 3.45 -15.15 2.82
CA GLY A 58 3.27 -15.84 4.08
C GLY A 58 2.83 -14.85 5.13
N LEU A 59 2.66 -15.35 6.36
CA LEU A 59 2.23 -14.49 7.46
C LEU A 59 3.19 -13.31 7.62
N ARG A 60 4.49 -13.61 7.61
CA ARG A 60 5.52 -12.59 7.76
CA ARG A 60 5.51 -12.58 7.78
C ARG A 60 5.37 -11.53 6.67
N ASP A 61 5.18 -12.00 5.43
CA ASP A 61 4.93 -11.12 4.28
C ASP A 61 3.72 -10.19 4.45
N HIS A 62 2.58 -10.73 4.89
CA HIS A 62 1.40 -9.88 5.15
C HIS A 62 1.61 -8.92 6.28
N LEU A 63 2.33 -9.35 7.32
CA LEU A 63 2.54 -8.49 8.47
C LEU A 63 3.45 -7.29 8.17
N GLU A 64 4.51 -7.56 7.40
CA GLU A 64 5.38 -6.53 6.85
C GLU A 64 4.62 -5.52 6.02
N GLU A 65 3.70 -6.01 5.18
CA GLU A 65 2.86 -5.12 4.38
C GLU A 65 1.95 -4.28 5.27
N ALA A 66 1.37 -4.90 6.31
CA ALA A 66 0.54 -4.15 7.25
C ALA A 66 1.31 -3.01 7.95
N VAL A 67 2.55 -3.29 8.33
CA VAL A 67 3.43 -2.29 8.97
C VAL A 67 3.66 -1.13 7.99
N ARG A 68 4.00 -1.46 6.76
CA ARG A 68 4.17 -0.44 5.72
C ARG A 68 2.93 0.42 5.55
N GLN A 69 1.75 -0.22 5.48
CA GLN A 69 0.49 0.53 5.31
C GLN A 69 0.13 1.41 6.50
N SER A 70 0.68 1.10 7.68
CA SER A 70 0.36 1.81 8.91
C SER A 70 0.93 3.22 8.95
N GLY A 71 2.12 3.41 8.39
CA GLY A 71 2.80 4.71 8.42
C GLY A 71 3.21 5.19 9.80
N GLY A 72 3.03 4.35 10.82
CA GLY A 72 3.33 4.74 12.19
C GLY A 72 2.10 4.96 13.06
N ASP A 73 0.93 5.04 12.43
CA ASP A 73 -0.35 5.15 13.14
C ASP A 73 -0.95 3.76 13.36
N PRO A 74 -1.91 3.62 14.30
CA PRO A 74 -2.50 2.28 14.51
C PRO A 74 -3.12 1.67 13.24
N LEU A 75 -2.84 0.38 13.01
CA LEU A 75 -3.44 -0.37 11.90
C LEU A 75 -3.77 -1.79 12.37
N THR A 76 -4.80 -2.38 11.75
CA THR A 76 -5.40 -3.62 12.17
C THR A 76 -5.49 -4.59 11.01
N ILE A 77 -4.88 -5.77 11.20
CA ILE A 77 -4.90 -6.88 10.25
C ILE A 77 -5.59 -8.07 10.91
N GLN A 78 -6.43 -8.73 10.15
CA GLN A 78 -7.13 -9.85 10.69
C GLN A 78 -6.53 -11.16 10.14
N VAL A 79 -6.25 -12.07 11.03
CA VAL A 79 -5.63 -13.35 10.66
C VAL A 79 -6.57 -14.46 11.13
N VAL A 80 -6.94 -15.38 10.24
CA VAL A 80 -7.83 -16.48 10.63
C VAL A 80 -6.99 -17.71 10.96
N ILE A 81 -7.17 -18.21 12.19
CA ILE A 81 -6.53 -19.43 12.70
C ILE A 81 -7.51 -20.58 12.48
N TYR A 82 -7.14 -21.59 11.68
CA TYR A 82 -8.13 -22.53 11.19
C TYR A 82 -7.53 -23.84 10.72
N ASN A 83 -7.04 -24.64 11.66
CA ASN A 83 -6.39 -25.91 11.33
C ASN A 83 -6.50 -26.98 12.41
N LEU A 84 -7.60 -26.98 13.18
CA LEU A 84 -7.75 -27.93 14.28
C LEU A 84 -7.64 -29.37 13.79
N PRO A 85 -7.15 -30.29 14.67
CA PRO A 85 -7.20 -31.69 14.28
C PRO A 85 -8.66 -32.14 14.13
N GLY A 86 -8.92 -32.99 13.14
CA GLY A 86 -10.28 -33.46 12.89
C GLY A 86 -11.22 -32.32 12.52
N ARG A 87 -10.68 -31.37 11.76
CA ARG A 87 -11.36 -30.11 11.44
C ARG A 87 -12.75 -30.31 10.83
N ASP A 88 -13.66 -29.40 11.14
CA ASP A 88 -14.98 -29.41 10.48
C ASP A 88 -15.66 -30.78 10.66
N CYS A 89 -15.77 -31.24 11.90
CA CYS A 89 -16.07 -32.65 12.21
C CYS A 89 -17.45 -33.15 11.76
N ALA A 90 -18.33 -32.23 11.37
CA ALA A 90 -19.66 -32.60 10.90
C ALA A 90 -19.76 -32.62 9.39
N ALA A 91 -18.76 -32.08 8.71
CA ALA A 91 -18.80 -31.94 7.26
C ALA A 91 -18.64 -33.28 6.55
N LEU A 92 -19.23 -33.37 5.37
CA LEU A 92 -19.09 -34.57 4.53
C LEU A 92 -17.64 -34.80 4.12
N ALA A 93 -16.93 -33.70 3.89
CA ALA A 93 -15.52 -33.71 3.55
C ALA A 93 -14.86 -32.50 4.19
N SER A 94 -13.64 -32.67 4.68
CA SER A 94 -12.90 -31.54 5.22
C SER A 94 -11.58 -31.34 4.51
N ASN A 95 -11.28 -30.08 4.25
CA ASN A 95 -10.01 -29.70 3.64
C ASN A 95 -8.89 -29.57 4.66
N GLY A 96 -9.24 -29.61 5.95
CA GLY A 96 -8.25 -29.52 7.02
C GLY A 96 -7.25 -30.64 6.89
N GLU A 97 -5.97 -30.31 6.92
CA GLU A 97 -4.97 -31.35 6.68
C GLU A 97 -4.74 -32.16 7.93
N LEU A 98 -5.09 -31.63 9.10
CA LEU A 98 -4.77 -32.35 10.32
C LEU A 98 -5.89 -33.29 10.76
N GLY A 99 -5.54 -34.56 10.91
CA GLY A 99 -6.50 -35.56 11.38
C GLY A 99 -6.88 -35.49 12.85
N PRO A 100 -7.84 -36.33 13.26
CA PRO A 100 -8.41 -36.26 14.61
C PRO A 100 -7.44 -36.59 15.73
N ASP A 101 -6.38 -37.34 15.43
CA ASP A 101 -5.41 -37.68 16.47
C ASP A 101 -4.18 -36.76 16.47
N GLU A 102 -4.22 -35.73 15.63
CA GLU A 102 -3.05 -34.90 15.36
C GLU A 102 -2.91 -33.61 16.18
N LEU A 103 -3.46 -33.57 17.39
CA LEU A 103 -3.33 -32.37 18.24
C LEU A 103 -1.87 -31.95 18.44
N ASP A 104 -0.98 -32.91 18.65
CA ASP A 104 0.42 -32.59 18.84
C ASP A 104 1.08 -31.83 17.67
N ARG A 105 0.66 -32.16 16.44
CA ARG A 105 1.11 -31.47 15.22
C ARG A 105 0.49 -30.08 15.11
N TYR A 106 -0.76 -30.00 15.53
CA TYR A 106 -1.44 -28.70 15.60
C TYR A 106 -0.66 -27.75 16.49
N LYS A 107 -0.22 -28.24 17.65
CA LYS A 107 0.44 -27.40 18.62
C LYS A 107 1.84 -26.99 18.15
N SER A 108 2.64 -27.96 17.73
CA SER A 108 4.05 -27.72 17.41
CA SER A 108 4.05 -27.72 17.41
C SER A 108 4.35 -27.19 16.01
N GLU A 109 3.53 -27.56 15.02
CA GLU A 109 3.82 -27.24 13.62
C GLU A 109 2.89 -26.18 13.02
N TYR A 110 1.84 -25.82 13.77
CA TYR A 110 0.90 -24.80 13.32
C TYR A 110 0.85 -23.57 14.26
N ILE A 111 0.32 -23.73 15.48
CA ILE A 111 0.27 -22.63 16.44
C ILE A 111 1.63 -22.02 16.81
N ASP A 112 2.57 -22.87 17.21
CA ASP A 112 3.89 -22.40 17.70
C ASP A 112 4.65 -21.49 16.72
N PRO A 113 4.75 -21.90 15.42
CA PRO A 113 5.39 -21.04 14.41
C PRO A 113 4.61 -19.76 14.13
N ILE A 114 3.28 -19.80 14.26
CA ILE A 114 2.49 -18.59 14.08
C ILE A 114 2.76 -17.64 15.23
N ALA A 115 2.83 -18.21 16.44
CA ALA A 115 3.14 -17.44 17.62
C ALA A 115 4.50 -16.78 17.48
N ASP A 116 5.46 -17.53 16.96
CA ASP A 116 6.83 -17.05 16.76
C ASP A 116 6.91 -15.85 15.81
N ILE A 117 6.10 -15.85 14.76
CA ILE A 117 6.05 -14.70 13.85
C ILE A 117 5.35 -13.50 14.48
N MET A 118 4.23 -13.73 15.16
CA MET A 118 3.51 -12.60 15.77
C MET A 118 4.34 -11.93 16.87
N TRP A 119 5.08 -12.72 17.61
CA TRP A 119 5.96 -12.19 18.63
C TRP A 119 6.93 -11.19 18.04
N ASP A 120 7.54 -11.52 16.90
CA ASP A 120 8.48 -10.59 16.28
C ASP A 120 7.81 -9.23 16.15
N PHE A 121 6.59 -9.25 15.61
CA PHE A 121 5.88 -8.02 15.31
C PHE A 121 5.34 -7.23 16.51
N ALA A 122 5.42 -7.81 17.70
CA ALA A 122 4.98 -7.15 18.93
C ALA A 122 5.78 -5.88 19.19
N ASP A 123 6.97 -5.81 18.59
CA ASP A 123 7.86 -4.66 18.71
C ASP A 123 7.31 -3.38 18.09
N TYR A 124 6.33 -3.52 17.20
CA TYR A 124 5.65 -2.38 16.63
C TYR A 124 4.32 -2.15 17.33
N GLU A 125 4.28 -1.10 18.15
CA GLU A 125 3.16 -0.86 19.07
C GLU A 125 1.84 -0.60 18.37
N ASN A 126 1.90 0.07 17.22
CA ASN A 126 0.68 0.49 16.56
C ASN A 126 0.09 -0.53 15.60
N LEU A 127 0.65 -1.75 15.56
CA LEU A 127 0.04 -2.84 14.81
C LEU A 127 -0.87 -3.66 15.71
N ARG A 128 -2.11 -3.87 15.27
CA ARG A 128 -3.07 -4.67 16.02
C ARG A 128 -3.37 -5.90 15.19
N ILE A 129 -3.11 -7.08 15.75
CA ILE A 129 -3.41 -8.32 15.05
C ILE A 129 -4.65 -8.88 15.72
N VAL A 130 -5.76 -8.88 14.98
CA VAL A 130 -7.00 -9.51 15.42
C VAL A 130 -6.96 -10.93 14.85
N ALA A 131 -6.99 -11.93 15.74
CA ALA A 131 -6.91 -13.35 15.36
C ALA A 131 -8.28 -13.98 15.53
N ILE A 132 -8.80 -14.53 14.43
CA ILE A 132 -10.08 -15.25 14.47
C ILE A 132 -9.81 -16.73 14.80
N ILE A 133 -10.33 -17.20 15.93
CA ILE A 133 -9.92 -18.51 16.44
C ILE A 133 -10.89 -19.63 16.04
N GLU A 134 -10.47 -20.43 15.04
CA GLU A 134 -11.05 -21.73 14.67
C GLU A 134 -12.54 -21.78 14.33
N ILE A 135 -12.86 -21.46 13.08
CA ILE A 135 -14.26 -21.46 12.68
C ILE A 135 -14.77 -22.91 12.57
N ASP A 136 -16.08 -23.07 12.63
CA ASP A 136 -16.69 -24.39 12.44
C ASP A 136 -16.09 -25.43 13.42
N SER A 137 -15.89 -25.04 14.68
CA SER A 137 -15.27 -25.92 15.68
C SER A 137 -16.20 -26.22 16.85
N LEU A 138 -16.01 -25.50 17.96
CA LEU A 138 -16.67 -25.80 19.22
C LEU A 138 -18.18 -26.08 19.17
N PRO A 139 -18.97 -25.31 18.38
CA PRO A 139 -20.42 -25.58 18.44
C PRO A 139 -20.83 -26.95 17.86
N ASN A 140 -19.96 -27.59 17.09
CA ASN A 140 -20.20 -28.95 16.62
C ASN A 140 -20.32 -29.93 17.81
N LEU A 141 -19.57 -29.65 18.88
CA LEU A 141 -19.57 -30.51 20.07
C LEU A 141 -20.82 -30.34 20.93
N VAL A 142 -21.64 -29.35 20.60
CA VAL A 142 -22.94 -29.12 21.23
C VAL A 142 -24.04 -29.84 20.43
N THR A 143 -24.01 -29.66 19.11
CA THR A 143 -25.16 -29.93 18.24
C THR A 143 -25.01 -31.18 17.36
N ASN A 144 -23.77 -31.56 17.06
CA ASN A 144 -23.52 -32.64 16.11
C ASN A 144 -22.90 -33.91 16.73
N VAL A 145 -23.19 -34.17 18.02
CA VAL A 145 -22.59 -35.33 18.69
C VAL A 145 -23.57 -36.50 18.85
N GLY A 146 -24.87 -36.19 18.77
CA GLY A 146 -25.90 -37.22 18.89
C GLY A 146 -26.98 -37.03 17.85
N GLY A 147 -27.97 -37.91 17.86
CA GLY A 147 -29.17 -37.78 17.02
C GLY A 147 -28.94 -37.82 15.52
N ASN A 148 -30.03 -37.66 14.77
CA ASN A 148 -29.95 -37.46 13.33
C ASN A 148 -29.11 -36.22 13.03
N GLY A 149 -27.98 -36.44 12.38
CA GLY A 149 -27.04 -35.35 12.08
C GLY A 149 -25.77 -35.43 12.91
N GLY A 150 -25.78 -36.24 13.96
CA GLY A 150 -24.58 -36.50 14.73
C GLY A 150 -23.53 -37.20 13.88
N THR A 151 -22.26 -36.89 14.11
CA THR A 151 -21.19 -37.59 13.42
C THR A 151 -20.23 -38.27 14.41
N GLU A 152 -19.69 -39.41 13.99
CA GLU A 152 -18.73 -40.14 14.80
C GLU A 152 -17.45 -39.33 15.00
N LEU A 153 -17.06 -38.58 13.97
CA LEU A 153 -15.95 -37.64 14.11
C LEU A 153 -16.15 -36.59 15.21
N CYS A 154 -17.31 -35.92 15.25
CA CYS A 154 -17.55 -34.94 16.31
C CYS A 154 -17.54 -35.57 17.71
N ALA A 155 -18.25 -36.69 17.88
CA ALA A 155 -18.24 -37.41 19.14
C ALA A 155 -16.80 -37.71 19.60
N TYR A 156 -15.96 -38.17 18.67
CA TYR A 156 -14.56 -38.45 18.94
C TYR A 156 -13.75 -37.21 19.40
N MET A 157 -13.95 -36.09 18.73
CA MET A 157 -13.25 -34.85 19.09
C MET A 157 -13.74 -34.31 20.45
N LYS A 158 -14.99 -34.57 20.78
CA LYS A 158 -15.52 -34.22 22.10
C LYS A 158 -14.91 -35.13 23.17
N GLN A 159 -14.89 -36.42 22.88
CA GLN A 159 -14.34 -37.37 23.82
C GLN A 159 -12.85 -37.12 24.06
N ASN A 160 -12.10 -36.83 23.00
CA ASN A 160 -10.63 -36.70 23.13
C ASN A 160 -10.17 -35.29 23.50
N GLY A 161 -11.10 -34.34 23.48
CA GLY A 161 -10.83 -32.96 23.89
C GLY A 161 -9.97 -32.20 22.90
N GLY A 162 -9.99 -32.62 21.63
CA GLY A 162 -9.06 -32.08 20.63
C GLY A 162 -9.39 -30.64 20.28
N TYR A 163 -10.66 -30.38 20.02
CA TYR A 163 -11.15 -29.00 19.81
C TYR A 163 -10.98 -28.12 21.03
N VAL A 164 -11.43 -28.58 22.20
CA VAL A 164 -11.38 -27.77 23.42
C VAL A 164 -9.91 -27.43 23.75
N ASN A 165 -9.06 -28.43 23.77
CA ASN A 165 -7.66 -28.25 24.12
C ASN A 165 -6.85 -27.52 23.05
N GLY A 166 -7.17 -27.77 21.78
CA GLY A 166 -6.53 -27.07 20.65
C GLY A 166 -6.82 -25.58 20.77
N VAL A 167 -8.09 -25.24 20.84
CA VAL A 167 -8.53 -23.85 20.99
C VAL A 167 -7.90 -23.18 22.22
N GLY A 168 -7.89 -23.87 23.36
CA GLY A 168 -7.25 -23.35 24.56
C GLY A 168 -5.82 -22.96 24.31
N TYR A 169 -5.10 -23.87 23.67
CA TYR A 169 -3.70 -23.67 23.34
C TYR A 169 -3.45 -22.39 22.53
N ALA A 170 -4.31 -22.15 21.52
CA ALA A 170 -4.17 -21.01 20.61
C ALA A 170 -4.43 -19.75 21.40
N LEU A 171 -5.45 -19.80 22.25
CA LEU A 171 -5.78 -18.64 23.05
C LEU A 171 -4.59 -18.26 23.92
N ARG A 172 -3.96 -19.24 24.57
CA ARG A 172 -2.84 -18.91 25.42
C ARG A 172 -1.63 -18.41 24.63
N LYS A 173 -1.26 -19.14 23.58
CA LYS A 173 -0.04 -18.83 22.83
C LYS A 173 -0.14 -17.47 22.16
N LEU A 174 -1.29 -17.20 21.54
CA LEU A 174 -1.48 -15.95 20.84
CA LEU A 174 -1.50 -15.94 20.85
C LEU A 174 -1.86 -14.87 21.85
N GLY A 175 -2.64 -15.25 22.86
CA GLY A 175 -3.07 -14.29 23.89
C GLY A 175 -1.97 -13.71 24.73
N GLU A 176 -0.87 -14.43 24.92
CA GLU A 176 0.28 -13.85 25.64
C GLU A 176 0.86 -12.63 24.89
N ILE A 177 0.81 -12.67 23.55
CA ILE A 177 1.45 -11.68 22.67
C ILE A 177 0.73 -10.32 22.83
N PRO A 178 1.49 -9.25 23.13
CA PRO A 178 0.91 -7.97 23.55
C PRO A 178 -0.06 -7.29 22.60
N ASN A 179 0.14 -7.43 21.28
CA ASN A 179 -0.75 -6.73 20.34
C ASN A 179 -1.61 -7.70 19.53
N VAL A 180 -1.88 -8.86 20.11
CA VAL A 180 -2.79 -9.83 19.49
C VAL A 180 -4.13 -9.83 20.25
N TYR A 181 -5.21 -9.78 19.48
CA TYR A 181 -6.57 -9.71 20.00
C TYR A 181 -7.36 -10.93 19.52
N ASN A 182 -7.59 -11.86 20.44
CA ASN A 182 -8.25 -13.12 20.08
C ASN A 182 -9.75 -13.05 20.08
N TYR A 183 -10.38 -13.47 18.99
CA TYR A 183 -11.83 -13.62 18.96
C TYR A 183 -12.17 -15.08 18.68
N ILE A 184 -12.95 -15.67 19.58
CA ILE A 184 -13.39 -17.07 19.38
C ILE A 184 -14.58 -17.06 18.41
N ASP A 185 -14.53 -17.92 17.41
CA ASP A 185 -15.64 -18.04 16.50
C ASP A 185 -16.87 -18.58 17.25
N ALA A 186 -18.04 -17.98 16.97
CA ALA A 186 -19.26 -18.28 17.71
C ALA A 186 -20.40 -18.65 16.77
N ALA A 187 -20.03 -19.34 15.70
CA ALA A 187 -21.00 -19.80 14.70
C ALA A 187 -21.91 -18.65 14.25
N HIS A 188 -23.20 -18.95 14.12
CA HIS A 188 -24.22 -17.97 13.72
C HIS A 188 -25.55 -18.37 14.27
N HIS A 189 -26.53 -17.47 14.17
CA HIS A 189 -27.79 -17.65 14.90
C HIS A 189 -28.56 -18.83 14.39
N GLY A 190 -28.44 -19.10 13.09
CA GLY A 190 -29.06 -20.26 12.48
C GLY A 190 -28.38 -21.59 12.81
N TRP A 191 -27.47 -21.58 13.77
CA TRP A 191 -26.85 -22.81 14.26
C TRP A 191 -27.08 -22.98 15.74
N ILE A 192 -26.78 -21.94 16.52
CA ILE A 192 -26.82 -22.07 17.98
C ILE A 192 -27.77 -21.05 18.65
N GLY A 193 -28.81 -20.66 17.92
CA GLY A 193 -29.75 -19.67 18.43
C GLY A 193 -30.90 -20.24 19.26
N TRP A 194 -31.07 -21.56 19.27
CA TRP A 194 -32.17 -22.22 19.99
C TRP A 194 -31.97 -22.31 21.48
N ASP A 195 -33.08 -22.32 22.21
CA ASP A 195 -33.08 -22.52 23.67
C ASP A 195 -32.21 -23.70 24.09
N SER A 196 -32.12 -24.72 23.24
CA SER A 196 -31.43 -25.97 23.55
C SER A 196 -29.92 -25.98 23.29
N ASN A 197 -29.42 -25.08 22.46
CA ASN A 197 -27.97 -25.05 22.17
C ASN A 197 -27.23 -23.76 22.48
N PHE A 198 -27.96 -22.68 22.73
CA PHE A 198 -27.36 -21.37 23.05
C PHE A 198 -26.55 -21.45 24.35
N GLY A 199 -27.21 -21.77 25.46
CA GLY A 199 -26.54 -21.98 26.75
C GLY A 199 -25.41 -23.00 26.69
N PRO A 200 -25.66 -24.18 26.10
CA PRO A 200 -24.62 -25.21 25.94
C PRO A 200 -23.37 -24.74 25.17
N SER A 201 -23.57 -23.91 24.14
CA SER A 201 -22.46 -23.31 23.41
C SER A 201 -21.67 -22.39 24.33
N VAL A 202 -22.38 -21.57 25.11
CA VAL A 202 -21.72 -20.66 26.06
C VAL A 202 -20.81 -21.43 27.00
N ASP A 203 -21.31 -22.56 27.50
CA ASP A 203 -20.56 -23.41 28.41
C ASP A 203 -19.28 -23.93 27.78
N ILE A 204 -19.39 -24.38 26.52
CA ILE A 204 -18.24 -24.91 25.78
C ILE A 204 -17.21 -23.84 25.42
N PHE A 205 -17.68 -22.62 25.12
CA PHE A 205 -16.73 -21.51 24.90
C PHE A 205 -15.88 -21.28 26.14
N TYR A 206 -16.54 -21.37 27.30
CA TYR A 206 -15.91 -21.13 28.60
C TYR A 206 -14.94 -22.26 28.91
N GLU A 207 -15.35 -23.49 28.66
CA GLU A 207 -14.47 -24.65 28.81
C GLU A 207 -13.17 -24.44 28.02
N ALA A 208 -13.30 -24.07 26.74
CA ALA A 208 -12.14 -23.88 25.84
C ALA A 208 -11.21 -22.78 26.33
N ALA A 209 -11.80 -21.67 26.73
CA ALA A 209 -11.05 -20.52 27.25
C ALA A 209 -10.26 -20.82 28.52
N ASN A 210 -10.68 -21.84 29.26
CA ASN A 210 -9.95 -22.25 30.46
C ASN A 210 -9.11 -23.50 30.27
N ALA A 211 -9.09 -24.03 29.04
CA ALA A 211 -8.32 -25.25 28.72
C ALA A 211 -6.85 -24.95 28.37
N SER A 212 -5.97 -25.94 28.49
CA SER A 212 -4.58 -25.84 28.03
C SER A 212 -3.79 -24.66 28.62
N GLY A 213 -4.18 -24.22 29.80
CA GLY A 213 -3.51 -23.11 30.47
C GLY A 213 -4.12 -21.75 30.21
N SER A 214 -5.10 -21.68 29.32
CA SER A 214 -5.77 -20.42 29.00
C SER A 214 -6.67 -19.92 30.16
N THR A 215 -6.96 -18.61 30.15
CA THR A 215 -7.99 -18.04 31.02
C THR A 215 -8.86 -17.15 30.13
N VAL A 216 -10.00 -16.70 30.65
CA VAL A 216 -10.86 -15.74 29.93
C VAL A 216 -10.11 -14.46 29.58
N ASP A 217 -9.04 -14.16 30.31
CA ASP A 217 -8.20 -13.00 30.05
C ASP A 217 -7.42 -13.06 28.72
N TYR A 218 -7.46 -14.22 28.04
CA TYR A 218 -6.90 -14.35 26.70
C TYR A 218 -7.96 -14.24 25.59
N VAL A 219 -9.21 -14.00 25.97
CA VAL A 219 -10.28 -13.82 24.99
C VAL A 219 -10.73 -12.37 24.97
N HIS A 220 -10.59 -11.74 23.80
CA HIS A 220 -10.93 -10.34 23.67
C HIS A 220 -12.35 -10.18 23.22
N GLY A 221 -12.89 -11.24 22.62
CA GLY A 221 -14.25 -11.22 22.14
C GLY A 221 -14.61 -12.44 21.34
N PHE A 222 -15.71 -12.30 20.60
CA PHE A 222 -16.26 -13.37 19.80
C PHE A 222 -16.65 -12.84 18.42
N ILE A 223 -16.61 -13.70 17.44
CA ILE A 223 -17.05 -13.37 16.08
C ILE A 223 -18.14 -14.33 15.59
N SER A 224 -19.21 -13.73 15.07
CA SER A 224 -20.28 -14.48 14.41
C SER A 224 -20.34 -14.27 12.91
N ASN A 225 -20.99 -15.24 12.26
CA ASN A 225 -21.32 -15.22 10.84
C ASN A 225 -20.11 -15.42 9.91
N THR A 226 -19.00 -15.92 10.46
CA THR A 226 -17.72 -15.92 9.71
C THR A 226 -17.87 -16.78 8.47
N ALA A 227 -17.55 -16.19 7.31
CA ALA A 227 -17.73 -16.84 6.00
C ALA A 227 -19.16 -17.30 5.70
N ASN A 228 -20.13 -16.80 6.47
CA ASN A 228 -21.53 -17.21 6.28
C ASN A 228 -22.38 -16.07 5.71
N TYR A 229 -23.68 -16.21 5.83
CA TYR A 229 -24.59 -15.37 5.03
C TYR A 229 -25.79 -14.85 5.83
N SER A 230 -25.81 -15.11 7.13
CA SER A 230 -26.93 -14.74 8.00
C SER A 230 -27.01 -13.23 8.09
N ALA A 231 -28.23 -12.70 8.15
CA ALA A 231 -28.47 -11.26 8.10
C ALA A 231 -28.02 -10.58 9.40
N THR A 232 -27.39 -9.40 9.28
CA THR A 232 -27.03 -8.59 10.45
C THR A 232 -28.29 -8.18 11.20
N VAL A 233 -29.17 -7.46 10.50
CA VAL A 233 -30.54 -7.19 10.97
C VAL A 233 -31.51 -7.62 9.86
N GLU A 234 -32.63 -8.24 10.23
CA GLU A 234 -33.73 -8.42 9.29
C GLU A 234 -34.68 -7.23 9.44
N PRO A 235 -34.71 -6.31 8.44
CA PRO A 235 -35.46 -5.07 8.59
C PRO A 235 -36.96 -5.26 8.73
N TYR A 236 -37.50 -6.29 8.09
CA TYR A 236 -38.96 -6.44 7.96
C TYR A 236 -39.51 -7.61 8.80
N LEU A 237 -38.64 -8.22 9.59
CA LEU A 237 -39.03 -9.35 10.40
C LEU A 237 -38.81 -9.08 11.88
N ASP A 238 -39.85 -9.35 12.67
CA ASP A 238 -39.81 -9.22 14.12
C ASP A 238 -40.02 -10.63 14.68
N VAL A 239 -39.02 -11.13 15.41
CA VAL A 239 -39.02 -12.51 15.92
C VAL A 239 -40.26 -12.78 16.79
N ASN A 240 -40.88 -11.72 17.31
CA ASN A 240 -42.06 -11.82 18.16
C ASN A 240 -43.35 -11.41 17.44
N GLY A 241 -43.21 -10.99 16.18
CA GLY A 241 -44.34 -10.55 15.37
C GLY A 241 -45.28 -11.67 15.00
N THR A 242 -46.28 -11.36 14.17
CA THR A 242 -47.26 -12.36 13.78
C THR A 242 -47.83 -12.11 12.39
N VAL A 243 -48.27 -13.18 11.75
CA VAL A 243 -48.94 -13.12 10.44
C VAL A 243 -50.35 -13.64 10.71
N ASN A 244 -51.31 -12.72 10.76
CA ASN A 244 -52.62 -13.00 11.31
C ASN A 244 -52.47 -13.59 12.73
N GLY A 245 -53.04 -14.76 12.99
CA GLY A 245 -52.90 -15.41 14.30
C GLY A 245 -51.65 -16.25 14.50
N GLN A 246 -50.80 -16.32 13.49
CA GLN A 246 -49.63 -17.20 13.51
C GLN A 246 -48.33 -16.48 13.80
N LEU A 247 -47.54 -17.03 14.71
CA LEU A 247 -46.28 -16.41 15.12
C LEU A 247 -45.18 -16.60 14.09
N ILE A 248 -44.40 -15.55 13.86
CA ILE A 248 -43.15 -15.64 13.09
C ILE A 248 -42.32 -16.84 13.55
N ARG A 249 -42.35 -17.11 14.87
CA ARG A 249 -41.62 -18.23 15.47
CA ARG A 249 -41.66 -18.23 15.50
C ARG A 249 -41.94 -19.59 14.87
N GLN A 250 -43.17 -19.79 14.40
CA GLN A 250 -43.59 -21.10 13.93
C GLN A 250 -43.34 -21.34 12.46
N SER A 251 -42.83 -20.31 11.76
CA SER A 251 -42.53 -20.43 10.34
C SER A 251 -41.45 -21.47 10.07
N LYS A 252 -41.45 -21.98 8.84
CA LYS A 252 -40.45 -22.97 8.43
CA LYS A 252 -40.47 -22.94 8.36
C LYS A 252 -39.05 -22.37 8.46
N TRP A 253 -38.92 -21.08 8.15
CA TRP A 253 -37.63 -20.37 8.22
C TRP A 253 -37.12 -20.22 9.63
N VAL A 254 -37.91 -19.58 10.48
CA VAL A 254 -37.46 -19.24 11.84
C VAL A 254 -37.37 -20.48 12.74
N ASP A 255 -38.34 -21.39 12.60
CA ASP A 255 -38.33 -22.70 13.30
C ASP A 255 -38.05 -22.63 14.82
N TRP A 256 -38.65 -21.63 15.47
CA TRP A 256 -38.53 -21.43 16.94
C TRP A 256 -37.16 -21.08 17.43
N ASN A 257 -36.34 -20.57 16.52
CA ASN A 257 -35.10 -19.92 16.89
C ASN A 257 -35.46 -18.70 17.71
N GLN A 258 -34.61 -18.36 18.67
CA GLN A 258 -34.81 -17.13 19.45
C GLN A 258 -34.50 -15.86 18.65
N TYR A 259 -33.81 -16.03 17.54
CA TYR A 259 -33.31 -14.91 16.74
C TYR A 259 -33.59 -15.13 15.27
N VAL A 260 -33.79 -14.03 14.55
CA VAL A 260 -33.90 -14.00 13.09
C VAL A 260 -32.70 -13.29 12.40
N ASP A 261 -31.74 -12.82 13.21
CA ASP A 261 -30.58 -12.11 12.67
C ASP A 261 -29.36 -12.19 13.61
N GLU A 262 -28.21 -11.76 13.11
CA GLU A 262 -26.96 -11.91 13.85
C GLU A 262 -26.78 -10.90 14.97
N LEU A 263 -27.27 -9.69 14.77
CA LEU A 263 -27.04 -8.66 15.76
C LEU A 263 -27.77 -8.96 17.07
N SER A 264 -29.05 -9.33 16.98
CA SER A 264 -29.79 -9.71 18.18
C SER A 264 -29.05 -10.82 18.90
N PHE A 265 -28.59 -11.79 18.12
CA PHE A 265 -27.88 -12.97 18.61
C PHE A 265 -26.59 -12.63 19.36
N VAL A 266 -25.63 -11.98 18.70
CA VAL A 266 -24.36 -11.65 19.39
C VAL A 266 -24.54 -10.74 20.61
N GLN A 267 -25.56 -9.90 20.61
CA GLN A 267 -25.80 -9.05 21.78
C GLN A 267 -26.25 -9.87 22.99
N ASP A 268 -27.19 -10.80 22.77
CA ASP A 268 -27.59 -11.74 23.81
C ASP A 268 -26.44 -12.65 24.23
N LEU A 269 -25.71 -13.19 23.26
CA LEU A 269 -24.57 -14.06 23.54
C LEU A 269 -23.53 -13.34 24.40
N ARG A 270 -23.27 -12.06 24.07
CA ARG A 270 -22.29 -11.24 24.80
C ARG A 270 -22.61 -11.19 26.29
N GLN A 271 -23.89 -10.96 26.60
CA GLN A 271 -24.37 -10.95 27.98
C GLN A 271 -24.27 -12.32 28.65
N ALA A 272 -24.70 -13.36 27.95
CA ALA A 272 -24.57 -14.74 28.46
C ALA A 272 -23.13 -15.07 28.81
N LEU A 273 -22.20 -14.67 27.95
CA LEU A 273 -20.79 -15.03 28.13
C LEU A 273 -20.19 -14.33 29.32
N ILE A 274 -20.55 -13.06 29.51
CA ILE A 274 -20.04 -12.32 30.66
C ILE A 274 -20.56 -12.94 31.95
N ALA A 275 -21.84 -13.33 31.96
CA ALA A 275 -22.47 -14.01 33.10
C ALA A 275 -21.76 -15.33 33.44
N LYS A 276 -21.40 -16.08 32.40
CA LYS A 276 -20.62 -17.31 32.54
C LYS A 276 -19.23 -17.07 33.15
N GLY A 277 -18.65 -15.90 32.89
CA GLY A 277 -17.36 -15.55 33.49
C GLY A 277 -16.31 -14.97 32.58
N PHE A 278 -16.71 -14.48 31.41
CA PHE A 278 -15.81 -13.78 30.50
C PHE A 278 -15.70 -12.31 30.93
N ARG A 279 -14.67 -11.62 30.44
CA ARG A 279 -14.40 -10.23 30.81
C ARG A 279 -15.54 -9.31 30.43
N SER A 280 -15.84 -8.34 31.31
CA SER A 280 -16.97 -7.43 31.14
C SER A 280 -16.87 -6.57 29.87
N ASP A 281 -15.64 -6.39 29.39
CA ASP A 281 -15.37 -5.55 28.23
C ASP A 281 -15.18 -6.34 26.93
N ILE A 282 -15.71 -7.56 26.84
CA ILE A 282 -15.68 -8.26 25.54
C ILE A 282 -16.51 -7.50 24.51
N GLY A 283 -15.98 -7.43 23.29
CA GLY A 283 -16.72 -6.91 22.15
C GLY A 283 -16.99 -8.01 21.15
N MET A 284 -18.03 -7.85 20.35
CA MET A 284 -18.40 -8.86 19.37
C MET A 284 -18.08 -8.39 17.95
N LEU A 285 -17.76 -9.31 17.05
CA LEU A 285 -17.66 -9.00 15.62
C LEU A 285 -18.74 -9.74 14.86
N ILE A 286 -19.21 -9.15 13.75
CA ILE A 286 -20.01 -9.89 12.76
C ILE A 286 -19.37 -9.74 11.38
N ASP A 287 -19.17 -10.85 10.68
CA ASP A 287 -18.64 -10.82 9.32
C ASP A 287 -19.77 -10.54 8.36
N THR A 288 -19.71 -9.36 7.72
CA THR A 288 -20.74 -8.87 6.81
C THR A 288 -20.28 -8.89 5.36
N SER A 289 -19.24 -9.69 5.08
CA SER A 289 -18.65 -9.81 3.74
C SER A 289 -19.69 -10.16 2.68
N ARG A 290 -20.62 -11.06 3.03
CA ARG A 290 -21.49 -11.61 2.02
C ARG A 290 -22.95 -11.68 2.48
N ASN A 291 -23.33 -10.82 3.42
CA ASN A 291 -24.72 -10.87 3.90
C ASN A 291 -25.56 -9.62 3.59
N GLY A 292 -25.20 -8.93 2.52
CA GLY A 292 -25.98 -7.74 2.11
C GLY A 292 -27.38 -8.11 1.63
N TRP A 293 -27.47 -9.24 0.93
CA TRP A 293 -28.71 -9.70 0.33
C TRP A 293 -29.44 -8.58 -0.40
N GLY A 294 -28.73 -7.89 -1.27
CA GLY A 294 -29.34 -6.81 -2.05
C GLY A 294 -29.70 -7.23 -3.46
N GLY A 295 -30.03 -6.24 -4.29
CA GLY A 295 -30.40 -6.51 -5.67
C GLY A 295 -31.89 -6.66 -5.86
N PRO A 296 -32.33 -6.97 -7.10
CA PRO A 296 -33.77 -6.99 -7.44
C PRO A 296 -34.63 -7.87 -6.52
N ASN A 297 -34.04 -8.92 -5.96
CA ASN A 297 -34.80 -9.84 -5.11
C ASN A 297 -34.97 -9.39 -3.66
N ARG A 298 -34.25 -8.34 -3.27
CA ARG A 298 -34.36 -7.86 -1.91
C ARG A 298 -35.72 -7.23 -1.65
N PRO A 299 -36.41 -7.68 -0.57
CA PRO A 299 -37.66 -7.02 -0.20
C PRO A 299 -37.44 -5.54 0.08
N THR A 300 -38.38 -4.70 -0.33
CA THR A 300 -38.30 -3.26 -0.08
C THR A 300 -39.28 -2.83 1.03
N GLY A 301 -39.82 -3.85 1.69
CA GLY A 301 -40.81 -3.68 2.76
C GLY A 301 -41.46 -5.00 3.09
N PRO A 302 -42.29 -5.04 4.16
CA PRO A 302 -42.93 -6.28 4.60
C PRO A 302 -43.91 -6.83 3.57
N SER A 303 -44.03 -8.16 3.53
CA SER A 303 -44.99 -8.85 2.68
C SER A 303 -46.42 -8.46 3.01
N SER A 304 -47.32 -8.67 2.06
CA SER A 304 -48.73 -8.42 2.27
C SER A 304 -49.52 -9.71 2.44
N SER A 305 -48.84 -10.84 2.22
CA SER A 305 -49.47 -12.17 2.22
C SER A 305 -49.99 -12.62 3.59
N THR A 306 -51.16 -13.25 3.58
CA THR A 306 -51.79 -13.80 4.79
C THR A 306 -51.25 -15.17 5.19
N ASP A 307 -50.46 -15.78 4.31
CA ASP A 307 -49.82 -17.05 4.64
C ASP A 307 -48.60 -16.77 5.51
N LEU A 308 -48.44 -17.56 6.56
CA LEU A 308 -47.28 -17.45 7.47
C LEU A 308 -45.96 -17.58 6.72
N ASN A 309 -45.82 -18.66 5.96
CA ASN A 309 -44.56 -18.92 5.28
C ASN A 309 -44.33 -18.04 4.06
N THR A 310 -45.41 -17.56 3.44
CA THR A 310 -45.28 -16.63 2.32
C THR A 310 -44.94 -15.21 2.80
N TYR A 311 -45.45 -14.83 3.96
CA TYR A 311 -45.06 -13.56 4.61
C TYR A 311 -43.57 -13.55 4.92
N VAL A 312 -43.14 -14.64 5.57
CA VAL A 312 -41.76 -14.76 6.04
C VAL A 312 -40.82 -14.88 4.85
N ASP A 313 -41.16 -15.73 3.88
CA ASP A 313 -40.30 -15.92 2.71
C ASP A 313 -40.20 -14.67 1.83
N GLU A 314 -41.25 -13.85 1.79
CA GLU A 314 -41.26 -12.60 1.00
C GLU A 314 -40.74 -11.33 1.69
N SER A 315 -40.53 -11.42 3.01
CA SER A 315 -40.09 -10.28 3.81
C SER A 315 -38.62 -10.36 4.22
N ARG A 316 -38.07 -11.57 4.22
CA ARG A 316 -36.71 -11.80 4.70
C ARG A 316 -35.65 -11.49 3.66
N ILE A 317 -34.57 -10.87 4.11
CA ILE A 317 -33.47 -10.51 3.20
C ILE A 317 -32.54 -11.71 2.98
N ASP A 318 -32.28 -12.49 4.02
CA ASP A 318 -31.59 -13.77 3.88
C ASP A 318 -32.54 -14.71 3.16
N ARG A 319 -32.28 -14.96 1.88
CA ARG A 319 -33.19 -15.73 1.03
C ARG A 319 -32.82 -17.21 0.90
N ARG A 320 -31.92 -17.68 1.75
CA ARG A 320 -31.49 -19.07 1.64
C ARG A 320 -32.64 -20.06 1.89
N ILE A 321 -32.46 -21.30 1.46
CA ILE A 321 -33.50 -22.31 1.70
C ILE A 321 -33.53 -22.69 3.18
N HIS A 322 -32.35 -22.72 3.80
CA HIS A 322 -32.17 -23.18 5.16
C HIS A 322 -30.93 -22.54 5.70
N PRO A 323 -30.90 -22.17 7.00
CA PRO A 323 -29.69 -21.50 7.52
C PRO A 323 -28.42 -22.37 7.55
N GLY A 324 -28.57 -23.68 7.45
CA GLY A 324 -27.44 -24.61 7.34
C GLY A 324 -26.78 -24.68 5.96
N ASN A 325 -27.33 -23.95 4.98
CA ASN A 325 -26.70 -23.86 3.66
C ASN A 325 -25.57 -22.81 3.64
N TRP A 326 -24.33 -23.28 3.63
CA TRP A 326 -23.16 -22.44 3.85
C TRP A 326 -22.26 -22.25 2.66
N CYS A 327 -22.48 -22.99 1.58
CA CYS A 327 -21.51 -23.02 0.48
C CYS A 327 -21.95 -22.22 -0.74
N ASN A 328 -21.11 -21.25 -1.12
CA ASN A 328 -21.30 -20.42 -2.31
C ASN A 328 -22.78 -20.07 -2.60
N GLN A 329 -23.42 -19.40 -1.66
CA GLN A 329 -24.87 -19.30 -1.67
C GLN A 329 -25.45 -18.42 -2.78
N ALA A 330 -26.33 -19.02 -3.60
CA ALA A 330 -26.94 -18.36 -4.76
C ALA A 330 -27.62 -17.05 -4.41
N GLY A 331 -27.30 -16.00 -5.17
CA GLY A 331 -27.98 -14.72 -5.00
C GLY A 331 -27.45 -13.84 -3.87
N ALA A 332 -26.44 -14.29 -3.15
CA ALA A 332 -25.92 -13.51 -2.05
C ALA A 332 -25.32 -12.19 -2.56
N GLY A 333 -25.25 -11.19 -1.67
CA GLY A 333 -24.59 -9.95 -2.04
C GLY A 333 -23.60 -9.47 -1.00
N LEU A 334 -22.63 -8.67 -1.43
CA LEU A 334 -21.71 -8.03 -0.49
C LEU A 334 -22.50 -7.31 0.58
N GLY A 335 -22.04 -7.43 1.83
CA GLY A 335 -22.69 -6.75 2.94
C GLY A 335 -22.14 -5.38 3.23
N GLU A 336 -22.58 -4.83 4.36
CA GLU A 336 -22.04 -3.57 4.89
C GLU A 336 -20.51 -3.64 4.93
N ARG A 337 -19.88 -2.55 4.53
CA ARG A 337 -18.43 -2.49 4.53
C ARG A 337 -17.88 -2.43 5.96
N PRO A 338 -16.64 -2.91 6.14
CA PRO A 338 -16.04 -2.93 7.47
C PRO A 338 -16.14 -1.60 8.22
N THR A 339 -16.71 -1.65 9.42
CA THR A 339 -17.08 -0.44 10.16
C THR A 339 -16.97 -0.66 11.67
N VAL A 340 -16.61 0.41 12.37
CA VAL A 340 -16.18 0.36 13.77
C VAL A 340 -17.34 0.65 14.73
N ASN A 341 -17.50 -0.20 15.75
CA ASN A 341 -18.52 -0.05 16.80
C ASN A 341 -19.91 0.41 16.28
N PRO A 342 -20.48 -0.36 15.34
CA PRO A 342 -21.77 -0.04 14.72
C PRO A 342 -23.01 -0.14 15.62
N ALA A 343 -22.88 -0.85 16.74
CA ALA A 343 -24.03 -1.20 17.58
C ALA A 343 -23.54 -1.56 18.98
N PRO A 344 -24.42 -1.46 20.00
CA PRO A 344 -24.06 -1.85 21.37
C PRO A 344 -23.36 -3.23 21.43
N GLY A 345 -22.14 -3.24 21.98
CA GLY A 345 -21.42 -4.50 22.21
C GLY A 345 -20.65 -5.11 21.06
N VAL A 346 -20.74 -4.50 19.87
CA VAL A 346 -20.04 -4.93 18.67
C VAL A 346 -18.80 -4.03 18.45
N ASP A 347 -17.61 -4.61 18.48
CA ASP A 347 -16.37 -3.90 18.16
C ASP A 347 -16.29 -3.44 16.71
N ALA A 348 -16.89 -4.23 15.81
CA ALA A 348 -16.86 -3.95 14.39
C ALA A 348 -17.68 -4.94 13.58
N TYR A 349 -18.12 -4.46 12.43
CA TYR A 349 -18.43 -5.35 11.32
C TYR A 349 -17.16 -5.52 10.51
N VAL A 350 -16.84 -6.76 10.16
CA VAL A 350 -15.60 -7.09 9.47
C VAL A 350 -15.86 -7.92 8.20
N TRP A 351 -14.93 -7.89 7.25
CA TRP A 351 -14.97 -8.80 6.12
C TRP A 351 -13.90 -9.83 6.36
N VAL A 352 -14.25 -10.95 7.01
CA VAL A 352 -13.26 -11.98 7.31
C VAL A 352 -13.05 -12.87 6.07
N LYS A 353 -14.12 -13.52 5.61
CA LYS A 353 -14.10 -14.17 4.29
C LYS A 353 -13.84 -13.17 3.17
N PRO A 354 -12.81 -13.41 2.33
CA PRO A 354 -12.61 -12.46 1.23
C PRO A 354 -13.54 -12.78 0.04
N PRO A 355 -14.47 -11.86 -0.27
CA PRO A 355 -15.47 -12.16 -1.30
C PRO A 355 -14.88 -12.42 -2.68
N GLY A 356 -15.41 -13.44 -3.37
CA GLY A 356 -14.87 -13.84 -4.66
C GLY A 356 -14.07 -15.11 -4.51
N GLU A 357 -13.56 -15.35 -3.31
CA GLU A 357 -12.94 -16.64 -3.06
C GLU A 357 -13.99 -17.70 -2.78
N SER A 358 -13.89 -18.81 -3.51
CA SER A 358 -14.85 -19.90 -3.41
C SER A 358 -14.83 -20.50 -2.01
N ASP A 359 -15.98 -21.04 -1.62
CA ASP A 359 -16.18 -21.79 -0.39
C ASP A 359 -15.79 -23.26 -0.53
N GLY A 360 -15.67 -23.74 -1.77
CA GLY A 360 -15.42 -25.15 -2.08
C GLY A 360 -15.84 -25.50 -3.50
N ALA A 361 -15.39 -26.65 -3.98
CA ALA A 361 -15.68 -27.09 -5.36
C ALA A 361 -17.11 -27.60 -5.47
N SER A 362 -17.75 -27.40 -6.62
CA SER A 362 -19.13 -27.87 -6.81
C SER A 362 -19.22 -29.29 -7.40
N GLU A 363 -18.09 -29.78 -7.87
CA GLU A 363 -17.95 -31.16 -8.35
C GLU A 363 -16.63 -31.67 -7.79
N GLU A 364 -16.28 -32.91 -8.12
CA GLU A 364 -14.92 -33.35 -7.84
C GLU A 364 -13.96 -32.65 -8.80
N ILE A 365 -12.99 -31.96 -8.22
CA ILE A 365 -11.85 -31.41 -8.96
C ILE A 365 -10.61 -32.08 -8.37
N PRO A 366 -10.00 -33.03 -9.10
CA PRO A 366 -8.82 -33.72 -8.60
C PRO A 366 -7.68 -32.76 -8.25
N ASN A 367 -7.03 -33.02 -7.11
CA ASN A 367 -6.02 -32.11 -6.57
C ASN A 367 -4.95 -32.81 -5.74
N ASP A 368 -3.83 -32.11 -5.51
CA ASP A 368 -2.72 -32.66 -4.76
C ASP A 368 -2.67 -32.14 -3.32
N GLU A 369 -3.44 -31.07 -3.06
CA GLU A 369 -3.35 -30.35 -1.79
C GLU A 369 -4.33 -30.86 -0.72
N GLY A 370 -4.99 -31.98 -1.02
CA GLY A 370 -5.82 -32.69 -0.07
C GLY A 370 -7.13 -31.99 0.24
N LYS A 371 -7.97 -31.81 -0.77
CA LYS A 371 -9.27 -31.16 -0.56
C LYS A 371 -10.42 -32.00 -1.14
N GLY A 372 -11.05 -32.77 -0.25
CA GLY A 372 -12.11 -33.70 -0.62
C GLY A 372 -13.40 -33.02 -1.04
N PHE A 373 -14.12 -33.65 -1.97
CA PHE A 373 -15.38 -33.13 -2.48
C PHE A 373 -16.46 -33.13 -1.39
N ASP A 374 -16.94 -31.93 -1.03
CA ASP A 374 -17.99 -31.78 -0.03
C ASP A 374 -19.29 -31.47 -0.75
N ARG A 375 -20.27 -32.36 -0.64
CA ARG A 375 -21.50 -32.27 -1.44
C ARG A 375 -22.39 -31.09 -1.05
N MET A 376 -22.17 -30.50 0.12
CA MET A 376 -22.85 -29.25 0.45
C MET A 376 -22.52 -28.09 -0.52
N CYS A 377 -21.46 -28.25 -1.31
CA CYS A 377 -21.11 -27.27 -2.34
C CYS A 377 -21.66 -27.63 -3.71
N ASP A 378 -22.29 -28.79 -3.78
CA ASP A 378 -22.81 -29.35 -5.02
C ASP A 378 -24.25 -28.88 -5.18
N PRO A 379 -24.54 -28.15 -6.27
CA PRO A 379 -25.90 -27.63 -6.45
C PRO A 379 -26.97 -28.72 -6.37
N THR A 380 -26.63 -29.92 -6.85
CA THR A 380 -27.59 -31.01 -6.98
C THR A 380 -27.82 -31.78 -5.69
N TYR A 381 -26.98 -31.57 -4.68
CA TYR A 381 -27.12 -32.29 -3.41
C TYR A 381 -28.45 -31.99 -2.71
N GLN A 382 -29.10 -33.03 -2.19
CA GLN A 382 -30.43 -32.91 -1.62
C GLN A 382 -30.42 -32.81 -0.10
N GLY A 383 -29.23 -32.60 0.46
CA GLY A 383 -29.10 -32.25 1.86
C GLY A 383 -29.00 -33.43 2.79
N ASN A 384 -28.96 -33.11 4.07
CA ASN A 384 -28.91 -34.06 5.17
C ASN A 384 -29.56 -33.44 6.40
N ALA A 385 -29.54 -34.15 7.52
CA ALA A 385 -30.18 -33.66 8.73
C ALA A 385 -29.76 -32.23 9.09
N ARG A 386 -28.49 -31.88 8.84
CA ARG A 386 -27.97 -30.58 9.29
C ARG A 386 -28.43 -29.37 8.47
N ASN A 387 -29.01 -29.61 7.29
CA ASN A 387 -29.60 -28.49 6.53
C ASN A 387 -31.09 -28.66 6.22
N GLY A 388 -31.82 -29.32 7.12
CA GLY A 388 -33.22 -29.66 6.88
C GLY A 388 -33.50 -30.51 5.66
N ASN A 389 -32.53 -31.33 5.25
CA ASN A 389 -32.67 -32.16 4.05
C ASN A 389 -33.17 -31.39 2.82
N ASN A 390 -32.48 -30.30 2.54
CA ASN A 390 -32.82 -29.35 1.49
C ASN A 390 -31.77 -29.32 0.40
N PRO A 391 -32.15 -28.83 -0.80
CA PRO A 391 -31.09 -28.49 -1.76
C PRO A 391 -30.03 -27.64 -1.09
N SER A 392 -28.80 -27.79 -1.56
CA SER A 392 -27.61 -27.17 -0.93
C SER A 392 -27.62 -25.66 -1.14
N GLY A 393 -28.26 -25.24 -2.22
CA GLY A 393 -28.34 -23.81 -2.55
C GLY A 393 -27.05 -23.24 -3.12
N ALA A 394 -26.09 -24.09 -3.39
CA ALA A 394 -24.78 -23.65 -3.86
C ALA A 394 -24.79 -23.28 -5.33
N LEU A 395 -24.00 -22.25 -5.67
CA LEU A 395 -23.77 -21.83 -7.05
C LEU A 395 -22.99 -22.86 -7.86
N PRO A 396 -23.44 -23.11 -9.11
CA PRO A 396 -22.77 -24.07 -10.01
C PRO A 396 -21.37 -23.66 -10.47
N ASN A 397 -20.58 -24.67 -10.87
CA ASN A 397 -19.24 -24.50 -11.43
CA ASN A 397 -19.26 -24.45 -11.46
C ASN A 397 -18.29 -23.61 -10.61
N ALA A 398 -18.22 -23.95 -9.32
CA ALA A 398 -17.33 -23.34 -8.32
C ALA A 398 -15.95 -24.02 -8.26
N PRO A 399 -14.85 -23.23 -8.19
CA PRO A 399 -13.51 -23.82 -8.05
C PRO A 399 -13.24 -24.33 -6.63
N ILE A 400 -12.06 -24.90 -6.41
CA ILE A 400 -11.61 -25.29 -5.08
C ILE A 400 -11.67 -24.09 -4.11
N SER A 401 -11.97 -24.40 -2.85
CA SER A 401 -12.07 -23.39 -1.81
CA SER A 401 -12.09 -23.38 -1.82
C SER A 401 -10.88 -22.45 -1.83
N GLY A 402 -11.16 -21.15 -1.80
CA GLY A 402 -10.13 -20.11 -1.83
C GLY A 402 -9.71 -19.66 -3.23
N HIS A 403 -10.04 -20.44 -4.26
CA HIS A 403 -9.73 -20.09 -5.64
C HIS A 403 -10.73 -19.07 -6.10
N TRP A 404 -10.30 -18.22 -7.03
CA TRP A 404 -11.14 -17.13 -7.49
C TRP A 404 -12.39 -17.62 -8.20
N PHE A 405 -13.55 -17.09 -7.82
CA PHE A 405 -14.84 -17.52 -8.37
C PHE A 405 -15.53 -16.31 -8.99
N SER A 406 -15.29 -16.10 -10.29
CA SER A 406 -15.68 -14.86 -10.96
C SER A 406 -17.19 -14.66 -11.06
N ALA A 407 -17.89 -15.69 -11.53
CA ALA A 407 -19.35 -15.67 -11.53
C ALA A 407 -19.91 -15.25 -10.15
N GLN A 408 -19.37 -15.80 -9.08
CA GLN A 408 -19.82 -15.43 -7.73
C GLN A 408 -19.45 -14.00 -7.35
N PHE A 409 -18.25 -13.55 -7.73
CA PHE A 409 -17.88 -12.17 -7.41
C PHE A 409 -18.78 -11.16 -8.13
N ARG A 410 -18.99 -11.35 -9.43
CA ARG A 410 -19.91 -10.47 -10.17
C ARG A 410 -21.31 -10.40 -9.55
N GLU A 411 -21.85 -11.55 -9.13
CA GLU A 411 -23.14 -11.62 -8.46
C GLU A 411 -23.11 -10.92 -7.10
N LEU A 412 -22.10 -11.25 -6.30
CA LEU A 412 -21.94 -10.61 -5.00
C LEU A 412 -21.88 -9.11 -5.16
N LEU A 413 -21.12 -8.67 -6.18
CA LEU A 413 -20.95 -7.26 -6.46
C LEU A 413 -22.24 -6.59 -6.88
N ALA A 414 -23.04 -7.21 -7.75
CA ALA A 414 -24.29 -6.58 -8.20
C ALA A 414 -25.37 -6.56 -7.12
N ASN A 415 -25.24 -7.48 -6.15
CA ASN A 415 -26.22 -7.63 -5.08
C ASN A 415 -25.80 -6.95 -3.76
N ALA A 416 -24.74 -6.16 -3.82
CA ALA A 416 -24.23 -5.44 -2.65
C ALA A 416 -25.35 -4.61 -1.99
N TYR A 417 -25.40 -4.63 -0.66
CA TYR A 417 -26.27 -3.77 0.12
C TYR A 417 -25.51 -3.34 1.37
N PRO A 418 -25.46 -2.02 1.66
CA PRO A 418 -25.90 -0.88 0.87
C PRO A 418 -25.23 -0.95 -0.51
N PRO A 419 -25.87 -0.38 -1.55
CA PRO A 419 -25.24 -0.44 -2.87
C PRO A 419 -23.98 0.43 -2.95
N LEU A 420 -23.19 0.18 -3.99
CA LEU A 420 -21.90 0.85 -4.18
C LEU A 420 -21.97 2.05 -5.13
N GLU B 1 5.83 6.39 -32.31
CA GLU B 1 7.02 5.50 -32.23
C GLU B 1 7.94 5.92 -31.08
N LYS B 2 9.08 6.51 -31.43
CA LYS B 2 10.20 6.80 -30.53
C LYS B 2 10.84 5.52 -29.97
N VAL B 3 12.14 5.60 -29.68
CA VAL B 3 12.85 4.46 -29.11
C VAL B 3 12.43 4.30 -27.63
N ASP B 4 12.51 3.07 -27.14
CA ASP B 4 12.12 2.78 -25.76
C ASP B 4 12.96 3.62 -24.79
N ASN B 5 14.25 3.32 -24.73
CA ASN B 5 15.19 4.10 -23.91
C ASN B 5 16.15 4.92 -24.79
N PRO B 6 15.98 6.26 -24.81
CA PRO B 6 16.84 7.18 -25.57
C PRO B 6 18.32 7.16 -25.18
N PHE B 7 18.67 6.47 -24.11
CA PHE B 7 20.07 6.34 -23.70
C PHE B 7 20.71 5.09 -24.27
N GLU B 8 19.87 4.16 -24.74
CA GLU B 8 20.33 2.89 -25.28
C GLU B 8 21.05 3.03 -26.63
N GLY B 9 22.34 2.66 -26.63
CA GLY B 9 23.20 2.75 -27.81
C GLY B 9 23.71 4.15 -28.10
N ALA B 10 23.68 5.01 -27.07
CA ALA B 10 23.96 6.43 -27.25
C ALA B 10 25.30 6.87 -26.67
N LYS B 11 26.04 7.65 -27.47
CA LYS B 11 27.16 8.41 -26.95
C LYS B 11 26.54 9.56 -26.17
N LEU B 12 27.09 9.89 -25.01
CA LEU B 12 26.52 10.96 -24.22
C LEU B 12 27.25 12.29 -24.43
N TYR B 13 26.47 13.38 -24.50
CA TYR B 13 27.01 14.72 -24.79
C TYR B 13 27.91 15.27 -23.70
N VAL B 14 29.16 15.57 -24.07
CA VAL B 14 30.14 16.14 -23.16
C VAL B 14 30.18 17.66 -23.39
N ASN B 15 29.69 18.41 -22.41
CA ASN B 15 29.62 19.87 -22.47
C ASN B 15 31.02 20.48 -22.42
N PRO B 16 31.40 21.25 -23.46
CA PRO B 16 32.71 21.92 -23.52
C PRO B 16 32.98 22.96 -22.43
N VAL B 17 31.98 23.73 -22.04
CA VAL B 17 32.13 24.80 -21.04
C VAL B 17 32.35 24.23 -19.64
N TRP B 18 31.80 23.04 -19.38
CA TRP B 18 31.94 22.40 -18.08
C TRP B 18 33.13 21.47 -17.99
N SER B 19 33.38 20.72 -19.06
CA SER B 19 34.52 19.80 -19.15
CA SER B 19 34.53 19.80 -19.11
C SER B 19 35.85 20.53 -18.89
N ALA B 20 35.96 21.73 -19.46
CA ALA B 20 37.11 22.62 -19.31
C ALA B 20 37.27 23.13 -17.87
N LYS B 21 36.13 23.49 -17.26
CA LYS B 21 36.10 23.96 -15.88
C LYS B 21 36.57 22.88 -14.93
N ALA B 22 36.00 21.68 -15.11
CA ALA B 22 36.42 20.50 -14.34
C ALA B 22 37.92 20.23 -14.51
N ALA B 23 38.43 20.51 -15.71
CA ALA B 23 39.82 20.25 -16.04
C ALA B 23 40.78 21.22 -15.35
N ALA B 24 40.34 22.46 -15.16
CA ALA B 24 41.15 23.47 -14.46
C ALA B 24 41.37 23.15 -12.97
N GLU B 25 40.92 21.97 -12.56
CA GLU B 25 41.01 21.47 -11.19
C GLU B 25 41.97 20.28 -11.04
N PRO B 26 42.66 20.17 -9.88
CA PRO B 26 43.55 19.03 -9.65
C PRO B 26 42.78 17.71 -9.56
N GLY B 27 43.22 16.71 -10.34
CA GLY B 27 42.52 15.42 -10.41
C GLY B 27 41.21 15.46 -11.19
N GLY B 28 40.80 16.66 -11.62
CA GLY B 28 39.54 16.87 -12.33
C GLY B 28 39.41 16.14 -13.66
N SER B 29 40.52 16.00 -14.38
CA SER B 29 40.56 15.31 -15.67
CA SER B 29 40.53 15.32 -15.67
C SER B 29 39.94 13.92 -15.60
N ALA B 30 39.86 13.37 -14.39
CA ALA B 30 39.34 12.01 -14.18
C ALA B 30 37.83 11.90 -14.41
N VAL B 31 37.13 13.03 -14.42
CA VAL B 31 35.68 13.03 -14.68
C VAL B 31 35.32 14.04 -15.77
N ALA B 32 36.34 14.71 -16.29
CA ALA B 32 36.17 15.76 -17.32
C ALA B 32 35.39 15.29 -18.56
N ASN B 33 35.58 14.02 -18.94
CA ASN B 33 34.93 13.47 -20.14
C ASN B 33 33.54 12.87 -19.93
N GLU B 34 33.05 12.88 -18.69
CA GLU B 34 31.70 12.42 -18.37
C GLU B 34 30.62 13.39 -18.88
N SER B 35 29.43 12.86 -19.16
CA SER B 35 28.33 13.65 -19.71
C SER B 35 27.48 14.28 -18.63
N THR B 36 27.12 15.55 -18.85
CA THR B 36 26.35 16.38 -17.93
C THR B 36 25.31 17.19 -18.73
N ALA B 37 24.26 17.66 -18.06
CA ALA B 37 23.12 18.34 -18.71
C ALA B 37 23.26 19.85 -18.94
N VAL B 38 22.43 20.37 -19.85
CA VAL B 38 22.38 21.80 -20.20
C VAL B 38 21.17 22.49 -19.56
N TRP B 39 21.42 23.56 -18.83
CA TRP B 39 20.39 24.25 -18.06
C TRP B 39 19.84 25.46 -18.77
N LEU B 40 18.53 25.47 -19.00
CA LEU B 40 17.85 26.67 -19.49
C LEU B 40 17.06 27.32 -18.36
N ASP B 41 17.78 27.73 -17.32
CA ASP B 41 17.16 28.29 -16.13
C ASP B 41 16.74 29.76 -16.30
N ARG B 42 16.87 30.28 -17.53
CA ARG B 42 16.46 31.64 -17.86
CA ARG B 42 16.46 31.64 -17.86
C ARG B 42 16.20 31.77 -19.37
N ILE B 43 15.55 32.87 -19.76
CA ILE B 43 15.28 33.16 -21.18
C ILE B 43 16.56 33.57 -21.92
N GLY B 44 17.53 34.10 -21.18
CA GLY B 44 18.84 34.49 -21.75
C GLY B 44 19.65 33.30 -22.21
N ALA B 45 19.48 32.17 -21.53
CA ALA B 45 20.25 30.96 -21.82
C ALA B 45 19.82 30.27 -23.13
N ILE B 46 18.67 30.68 -23.67
CA ILE B 46 18.19 30.18 -24.95
C ILE B 46 19.12 30.66 -26.07
N GLU B 47 19.44 31.95 -26.07
CA GLU B 47 20.39 32.53 -27.01
C GLU B 47 21.83 32.38 -26.54
N GLY B 48 22.05 32.68 -25.26
CA GLY B 48 23.37 32.62 -24.64
C GLY B 48 24.18 33.88 -24.92
N ASN B 49 23.56 35.02 -24.69
CA ASN B 49 24.16 36.33 -24.99
C ASN B 49 25.38 36.66 -24.13
N MET B 57 27.42 30.30 -24.47
CA MET B 57 26.77 29.32 -25.33
C MET B 57 25.27 29.18 -25.07
N GLY B 58 24.50 29.28 -26.15
CA GLY B 58 23.06 29.07 -26.08
C GLY B 58 22.68 27.67 -26.53
N LEU B 59 21.37 27.45 -26.70
CA LEU B 59 20.83 26.12 -27.00
C LEU B 59 21.32 25.55 -28.33
N ARG B 60 21.19 26.34 -29.40
CA ARG B 60 21.63 25.96 -30.74
CA ARG B 60 21.63 25.95 -30.74
C ARG B 60 23.13 25.60 -30.76
N ASP B 61 23.94 26.42 -30.09
CA ASP B 61 25.38 26.18 -29.99
C ASP B 61 25.66 24.80 -29.37
N HIS B 62 24.87 24.44 -28.37
CA HIS B 62 25.01 23.15 -27.69
C HIS B 62 24.54 22.01 -28.55
N LEU B 63 23.40 22.20 -29.22
CA LEU B 63 22.86 21.16 -30.09
C LEU B 63 23.75 20.87 -31.31
N GLU B 64 24.41 21.91 -31.81
CA GLU B 64 25.39 21.80 -32.90
C GLU B 64 26.60 20.97 -32.47
N GLU B 65 27.13 21.28 -31.29
CA GLU B 65 28.27 20.55 -30.72
C GLU B 65 27.88 19.07 -30.48
N ALA B 66 26.62 18.85 -30.11
CA ALA B 66 26.09 17.49 -29.93
C ALA B 66 26.08 16.65 -31.22
N VAL B 67 25.71 17.28 -32.33
CA VAL B 67 25.68 16.62 -33.64
C VAL B 67 27.12 16.24 -34.05
N ARG B 68 28.02 17.21 -33.88
CA ARG B 68 29.44 17.05 -34.17
C ARG B 68 30.06 15.84 -33.45
N GLN B 69 29.76 15.71 -32.16
CA GLN B 69 30.29 14.61 -31.34
C GLN B 69 29.74 13.23 -31.71
N SER B 70 28.60 13.20 -32.40
CA SER B 70 27.89 11.95 -32.71
C SER B 70 28.57 11.05 -33.74
N GLY B 71 29.34 11.66 -34.65
CA GLY B 71 29.98 10.94 -35.76
C GLY B 71 29.00 10.20 -36.66
N GLY B 72 27.75 10.65 -36.67
CA GLY B 72 26.69 10.01 -37.45
C GLY B 72 26.04 8.85 -36.72
N ASP B 73 26.27 8.76 -35.41
CA ASP B 73 25.75 7.66 -34.61
C ASP B 73 24.80 8.20 -33.53
N PRO B 74 24.02 7.31 -32.87
CA PRO B 74 23.11 7.84 -31.85
C PRO B 74 23.85 8.60 -30.75
N LEU B 75 23.39 9.81 -30.44
CA LEU B 75 23.94 10.61 -29.37
C LEU B 75 22.85 11.31 -28.58
N THR B 76 22.82 11.04 -27.27
CA THR B 76 21.82 11.65 -26.40
C THR B 76 22.39 12.84 -25.61
N ILE B 77 21.69 13.96 -25.68
CA ILE B 77 22.01 15.16 -24.91
C ILE B 77 20.85 15.41 -23.94
N GLN B 78 21.08 16.19 -22.88
CA GLN B 78 20.09 16.44 -21.82
C GLN B 78 19.81 17.94 -21.60
N VAL B 79 18.59 18.35 -21.60
CA VAL B 79 18.27 19.77 -21.50
C VAL B 79 17.22 20.05 -20.42
N VAL B 80 17.59 20.91 -19.46
CA VAL B 80 16.72 21.23 -18.33
C VAL B 80 15.78 22.42 -18.57
N ILE B 81 14.49 22.12 -18.58
CA ILE B 81 13.44 23.13 -18.69
C ILE B 81 13.08 23.60 -17.28
N TYR B 82 13.64 24.73 -16.87
CA TYR B 82 13.54 25.16 -15.49
C TYR B 82 13.29 26.65 -15.46
N ASN B 83 12.04 27.02 -15.77
CA ASN B 83 11.66 28.41 -15.73
C ASN B 83 10.16 28.62 -15.56
N LEU B 84 9.50 27.67 -14.89
CA LEU B 84 8.08 27.81 -14.59
C LEU B 84 7.82 29.14 -13.90
N PRO B 85 6.68 29.77 -14.21
CA PRO B 85 6.22 30.96 -13.49
C PRO B 85 6.05 30.64 -12.01
N GLY B 86 6.41 31.60 -11.16
CA GLY B 86 6.39 31.43 -9.70
C GLY B 86 7.19 30.20 -9.31
N ARG B 87 8.35 30.02 -9.96
CA ARG B 87 9.22 28.86 -9.78
C ARG B 87 9.62 28.70 -8.32
N ASP B 88 9.76 27.46 -7.87
CA ASP B 88 10.19 27.20 -6.48
C ASP B 88 9.29 27.94 -5.48
N CYS B 89 8.00 27.61 -5.50
CA CYS B 89 7.03 28.30 -4.68
C CYS B 89 7.31 28.19 -3.16
N ALA B 90 7.92 27.09 -2.75
CA ALA B 90 8.21 26.82 -1.33
C ALA B 90 9.58 27.31 -0.86
N ALA B 91 10.42 27.75 -1.79
CA ALA B 91 11.75 28.25 -1.43
C ALA B 91 11.63 29.59 -0.71
N LEU B 92 12.58 29.87 0.17
CA LEU B 92 12.65 31.17 0.83
C LEU B 92 12.88 32.26 -0.22
N ALA B 93 13.64 31.88 -1.25
CA ALA B 93 13.92 32.73 -2.39
C ALA B 93 13.96 31.87 -3.64
N SER B 94 13.51 32.42 -4.76
CA SER B 94 13.70 31.76 -6.05
C SER B 94 14.58 32.63 -6.92
N ASN B 95 15.40 31.98 -7.73
CA ASN B 95 16.14 32.65 -8.81
C ASN B 95 15.38 32.52 -10.13
N GLY B 96 14.07 32.28 -10.03
CA GLY B 96 13.23 32.16 -11.20
C GLY B 96 12.81 33.54 -11.65
N GLU B 97 12.97 33.81 -12.95
CA GLU B 97 12.79 35.16 -13.48
C GLU B 97 11.34 35.51 -13.85
N LEU B 98 10.46 34.53 -13.77
CA LEU B 98 9.06 34.69 -14.12
C LEU B 98 8.17 34.56 -12.88
N GLY B 99 7.44 35.62 -12.56
CA GLY B 99 6.55 35.65 -11.41
C GLY B 99 5.36 34.70 -11.54
N PRO B 100 4.53 34.62 -10.48
CA PRO B 100 3.40 33.69 -10.44
C PRO B 100 2.26 34.02 -11.40
N ASP B 101 2.32 35.20 -12.02
CA ASP B 101 1.24 35.71 -12.88
C ASP B 101 1.66 35.82 -14.34
N GLU B 102 2.72 35.09 -14.70
CA GLU B 102 3.37 35.26 -16.00
C GLU B 102 3.44 33.99 -16.88
N LEU B 103 2.41 33.14 -16.79
CA LEU B 103 2.34 31.89 -17.56
C LEU B 103 2.32 32.13 -19.08
N ASP B 104 1.59 33.17 -19.51
CA ASP B 104 1.60 33.61 -20.91
C ASP B 104 3.05 33.68 -21.41
N ARG B 105 3.89 34.40 -20.67
CA ARG B 105 5.29 34.63 -21.05
C ARG B 105 6.17 33.37 -20.98
N TYR B 106 5.88 32.47 -20.04
CA TYR B 106 6.53 31.15 -19.99
C TYR B 106 6.31 30.37 -21.31
N LYS B 107 5.07 30.36 -21.78
CA LYS B 107 4.74 29.68 -23.02
C LYS B 107 5.37 30.37 -24.22
N SER B 108 5.17 31.69 -24.30
CA SER B 108 5.44 32.48 -25.51
CA SER B 108 5.45 32.46 -25.52
C SER B 108 6.87 32.98 -25.68
N GLU B 109 7.57 33.18 -24.56
CA GLU B 109 8.94 33.70 -24.61
C GLU B 109 9.99 32.72 -24.08
N TYR B 110 9.55 31.71 -23.35
CA TYR B 110 10.46 30.65 -22.94
C TYR B 110 10.24 29.38 -23.77
N ILE B 111 9.09 28.73 -23.59
CA ILE B 111 8.82 27.45 -24.25
C ILE B 111 8.77 27.58 -25.78
N ASP B 112 8.20 28.67 -26.29
CA ASP B 112 8.09 28.87 -27.74
C ASP B 112 9.46 28.97 -28.44
N PRO B 113 10.35 29.85 -27.95
CA PRO B 113 11.72 29.86 -28.51
C PRO B 113 12.47 28.53 -28.39
N ILE B 114 12.44 27.91 -27.20
CA ILE B 114 13.07 26.58 -27.05
C ILE B 114 12.56 25.63 -28.12
N ALA B 115 11.23 25.50 -28.22
CA ALA B 115 10.60 24.59 -29.16
C ALA B 115 11.00 24.86 -30.61
N ASP B 116 11.07 26.13 -30.99
CA ASP B 116 11.60 26.52 -32.31
C ASP B 116 12.93 25.83 -32.59
N ILE B 117 13.91 26.08 -31.72
CA ILE B 117 15.26 25.58 -31.89
C ILE B 117 15.31 24.04 -31.91
N MET B 118 14.61 23.39 -30.98
CA MET B 118 14.56 21.92 -30.95
C MET B 118 13.92 21.32 -32.21
N TRP B 119 12.92 22.02 -32.75
CA TRP B 119 12.28 21.65 -34.02
C TRP B 119 13.23 21.71 -35.19
N ASP B 120 14.19 22.63 -35.12
CA ASP B 120 15.20 22.77 -36.18
C ASP B 120 16.16 21.58 -36.24
N PHE B 121 16.41 20.94 -35.11
CA PHE B 121 17.30 19.78 -35.05
C PHE B 121 16.61 18.43 -35.22
N ALA B 122 15.29 18.48 -35.44
CA ALA B 122 14.48 17.28 -35.68
C ALA B 122 14.86 16.57 -36.97
N ASP B 123 15.56 17.28 -37.84
CA ASP B 123 15.95 16.76 -39.16
C ASP B 123 17.16 15.83 -39.09
N TYR B 124 17.58 15.48 -37.87
CA TYR B 124 18.62 14.48 -37.68
C TYR B 124 18.15 13.36 -36.73
N GLU B 125 17.95 12.18 -37.31
CA GLU B 125 17.28 11.04 -36.66
C GLU B 125 18.15 10.30 -35.63
N ASN B 126 19.36 10.80 -35.38
CA ASN B 126 20.22 10.19 -34.36
C ASN B 126 20.46 11.08 -33.14
N LEU B 127 20.19 12.38 -33.29
CA LEU B 127 20.25 13.31 -32.17
C LEU B 127 18.97 13.20 -31.34
N ARG B 128 19.15 13.04 -30.03
CA ARG B 128 18.05 12.80 -29.10
C ARG B 128 18.16 13.80 -27.97
N ILE B 129 17.12 14.59 -27.76
CA ILE B 129 17.13 15.58 -26.70
C ILE B 129 16.29 15.00 -25.57
N VAL B 130 16.86 15.03 -24.36
CA VAL B 130 16.20 14.54 -23.16
C VAL B 130 15.80 15.75 -22.34
N ALA B 131 14.52 16.08 -22.42
CA ALA B 131 13.99 17.27 -21.82
C ALA B 131 13.50 16.94 -20.42
N ILE B 132 14.37 17.18 -19.44
CA ILE B 132 14.04 17.03 -18.02
C ILE B 132 13.10 18.18 -17.65
N ILE B 133 11.89 17.84 -17.25
CA ILE B 133 10.83 18.82 -17.16
C ILE B 133 10.60 19.41 -15.74
N GLU B 134 11.09 20.63 -15.56
CA GLU B 134 10.78 21.46 -14.39
C GLU B 134 10.97 20.79 -13.04
N ILE B 135 12.22 20.81 -12.59
CA ILE B 135 12.59 20.29 -11.28
C ILE B 135 11.90 21.12 -10.19
N ASP B 136 11.67 20.53 -9.02
CA ASP B 136 11.19 21.29 -7.86
C ASP B 136 9.87 22.07 -8.13
N SER B 137 8.91 21.45 -8.80
CA SER B 137 7.65 22.15 -9.09
C SER B 137 6.35 21.54 -8.54
N LEU B 138 5.81 20.51 -9.21
CA LEU B 138 4.47 19.99 -8.86
C LEU B 138 4.38 19.28 -7.49
N PRO B 139 5.41 18.49 -7.10
CA PRO B 139 5.38 17.90 -5.76
C PRO B 139 5.16 18.92 -4.63
N ASN B 140 5.50 20.19 -4.89
CA ASN B 140 5.27 21.30 -3.95
C ASN B 140 3.79 21.52 -3.67
N LEU B 141 2.97 21.36 -4.71
CA LEU B 141 1.53 21.64 -4.62
C LEU B 141 0.79 20.59 -3.79
N VAL B 142 1.49 19.51 -3.44
CA VAL B 142 0.91 18.42 -2.66
C VAL B 142 1.48 18.38 -1.24
N THR B 143 2.72 18.80 -1.09
CA THR B 143 3.41 18.76 0.20
C THR B 143 3.50 20.12 0.90
N ASN B 144 3.52 21.21 0.13
CA ASN B 144 3.84 22.54 0.68
C ASN B 144 2.79 23.63 0.48
N VAL B 145 1.51 23.26 0.49
CA VAL B 145 0.43 24.23 0.26
C VAL B 145 -0.21 24.69 1.57
N GLY B 146 -0.56 23.73 2.42
CA GLY B 146 -1.19 24.01 3.70
C GLY B 146 -0.63 23.11 4.79
N GLY B 147 -0.36 23.70 5.95
CA GLY B 147 0.21 22.99 7.09
C GLY B 147 1.17 23.85 7.86
N ASN B 148 2.30 23.27 8.27
CA ASN B 148 3.32 23.98 9.03
C ASN B 148 4.31 24.71 8.13
N GLY B 149 4.79 24.02 7.10
CA GLY B 149 5.79 24.57 6.19
C GLY B 149 5.27 25.12 4.88
N GLY B 150 3.95 25.05 4.67
CA GLY B 150 3.33 25.55 3.44
C GLY B 150 3.49 27.04 3.24
N THR B 151 3.44 27.49 1.98
CA THR B 151 3.48 28.93 1.68
C THR B 151 2.26 29.37 0.88
N GLU B 152 1.99 30.67 0.93
CA GLU B 152 0.94 31.31 0.14
C GLU B 152 1.17 31.11 -1.37
N LEU B 153 2.43 31.16 -1.78
CA LEU B 153 2.79 31.05 -3.20
C LEU B 153 2.52 29.66 -3.81
N CYS B 154 2.72 28.59 -3.05
CA CYS B 154 2.37 27.26 -3.52
C CYS B 154 0.85 27.12 -3.59
N ALA B 155 0.16 27.70 -2.61
CA ALA B 155 -1.30 27.80 -2.63
C ALA B 155 -1.81 28.71 -3.75
N TYR B 156 -1.00 29.68 -4.17
CA TYR B 156 -1.35 30.54 -5.32
C TYR B 156 -1.02 29.86 -6.64
N MET B 157 0.10 29.14 -6.68
CA MET B 157 0.49 28.40 -7.89
C MET B 157 -0.45 27.24 -8.16
N LYS B 158 -1.05 26.70 -7.11
CA LYS B 158 -2.08 25.69 -7.25
C LYS B 158 -3.41 26.31 -7.70
N GLN B 159 -3.78 27.44 -7.10
CA GLN B 159 -5.03 28.15 -7.44
C GLN B 159 -5.13 28.60 -8.91
N ASN B 160 -4.09 29.23 -9.43
CA ASN B 160 -4.13 29.82 -10.78
C ASN B 160 -3.82 28.86 -11.94
N GLY B 161 -3.40 27.64 -11.62
CA GLY B 161 -3.10 26.63 -12.62
C GLY B 161 -1.73 26.72 -13.26
N GLY B 162 -0.96 27.74 -12.90
CA GLY B 162 0.34 28.04 -13.52
C GLY B 162 1.41 26.97 -13.54
N TYR B 163 1.35 26.01 -12.61
CA TYR B 163 2.29 24.89 -12.60
C TYR B 163 1.80 23.79 -13.53
N VAL B 164 0.64 23.21 -13.22
CA VAL B 164 0.03 22.12 -14.01
C VAL B 164 -0.11 22.48 -15.49
N ASN B 165 -0.62 23.69 -15.76
CA ASN B 165 -0.78 24.19 -17.13
C ASN B 165 0.58 24.36 -17.83
N GLY B 166 1.59 24.81 -17.09
CA GLY B 166 2.90 25.11 -17.65
C GLY B 166 3.65 23.86 -17.99
N VAL B 167 3.63 22.89 -17.08
CA VAL B 167 4.21 21.59 -17.34
C VAL B 167 3.46 21.05 -18.55
N GLY B 168 2.13 21.03 -18.49
CA GLY B 168 1.29 20.60 -19.61
C GLY B 168 1.60 21.23 -20.95
N TYR B 169 1.74 22.56 -20.97
CA TYR B 169 2.16 23.32 -22.16
C TYR B 169 3.57 22.96 -22.59
N ALA B 170 4.51 22.99 -21.65
CA ALA B 170 5.89 22.55 -21.91
C ALA B 170 5.84 21.19 -22.59
N LEU B 171 5.05 20.30 -21.99
CA LEU B 171 4.90 18.91 -22.42
C LEU B 171 4.29 18.73 -23.81
N ARG B 172 3.27 19.54 -24.12
CA ARG B 172 2.64 19.48 -25.44
C ARG B 172 3.65 19.87 -26.50
N LYS B 173 4.12 21.11 -26.42
CA LYS B 173 5.02 21.70 -27.43
C LYS B 173 6.30 20.88 -27.70
N LEU B 174 6.91 20.34 -26.66
CA LEU B 174 8.19 19.66 -26.80
C LEU B 174 8.05 18.18 -27.19
N GLY B 175 7.08 17.47 -26.61
CA GLY B 175 6.87 16.05 -26.92
C GLY B 175 6.31 15.82 -28.31
N GLU B 176 5.93 16.90 -28.97
CA GLU B 176 5.49 16.82 -30.37
C GLU B 176 6.65 16.65 -31.36
N ILE B 177 7.87 16.82 -30.85
CA ILE B 177 9.08 16.66 -31.65
C ILE B 177 9.58 15.21 -31.59
N PRO B 178 9.85 14.60 -32.77
CA PRO B 178 10.12 13.17 -32.88
C PRO B 178 11.42 12.68 -32.23
N ASN B 179 12.22 13.59 -31.69
CA ASN B 179 13.48 13.25 -31.03
C ASN B 179 13.65 13.90 -29.65
N VAL B 180 12.56 14.47 -29.14
CA VAL B 180 12.53 15.00 -27.78
C VAL B 180 11.80 13.99 -26.88
N TYR B 181 12.50 13.55 -25.84
CA TYR B 181 11.93 12.68 -24.83
C TYR B 181 11.79 13.45 -23.52
N ASN B 182 10.55 13.67 -23.11
CA ASN B 182 10.25 14.31 -21.83
C ASN B 182 10.34 13.32 -20.66
N TYR B 183 11.11 13.70 -19.65
CA TYR B 183 11.12 13.03 -18.36
C TYR B 183 10.71 14.03 -17.30
N ILE B 184 9.54 13.81 -16.71
CA ILE B 184 9.03 14.68 -15.66
C ILE B 184 9.86 14.50 -14.38
N ASP B 185 10.23 15.61 -13.77
CA ASP B 185 10.88 15.58 -12.46
C ASP B 185 9.96 14.90 -11.44
N ALA B 186 10.52 14.01 -10.64
CA ALA B 186 9.71 13.31 -9.64
C ALA B 186 10.33 13.40 -8.24
N ALA B 187 10.91 14.57 -7.94
CA ALA B 187 11.50 14.85 -6.63
C ALA B 187 12.48 13.74 -6.22
N HIS B 188 12.39 13.30 -4.96
CA HIS B 188 13.21 12.18 -4.46
C HIS B 188 12.46 11.53 -3.32
N HIS B 189 12.88 10.33 -2.91
CA HIS B 189 12.17 9.60 -1.86
C HIS B 189 12.07 10.41 -0.58
N GLY B 190 13.07 11.26 -0.34
CA GLY B 190 13.14 12.08 0.88
C GLY B 190 12.08 13.17 0.96
N TRP B 191 11.37 13.38 -0.14
CA TRP B 191 10.33 14.39 -0.23
C TRP B 191 8.98 13.72 -0.27
N ILE B 192 8.76 12.84 -1.25
CA ILE B 192 7.44 12.26 -1.46
C ILE B 192 7.42 10.74 -1.32
N GLY B 193 8.19 10.23 -0.37
CA GLY B 193 8.24 8.79 -0.15
C GLY B 193 7.30 8.30 0.95
N TRP B 194 6.28 9.09 1.28
CA TRP B 194 5.35 8.72 2.36
C TRP B 194 4.00 8.34 1.86
N ASP B 195 3.29 7.50 2.61
CA ASP B 195 1.91 7.12 2.29
C ASP B 195 1.02 8.35 2.07
N SER B 196 1.36 9.42 2.79
CA SER B 196 0.60 10.68 2.77
C SER B 196 0.85 11.56 1.54
N ASN B 197 1.99 11.37 0.88
CA ASN B 197 2.35 12.23 -0.25
C ASN B 197 2.72 11.52 -1.56
N PHE B 198 2.97 10.21 -1.48
CA PHE B 198 3.31 9.41 -2.66
C PHE B 198 2.16 9.36 -3.66
N GLY B 199 0.98 8.96 -3.17
CA GLY B 199 -0.24 8.83 -3.99
C GLY B 199 -0.74 10.11 -4.63
N PRO B 200 -0.83 11.22 -3.88
CA PRO B 200 -1.30 12.49 -4.47
C PRO B 200 -0.31 13.14 -5.44
N SER B 201 0.96 12.73 -5.36
CA SER B 201 1.97 13.19 -6.32
C SER B 201 1.73 12.55 -7.67
N VAL B 202 1.55 11.23 -7.67
CA VAL B 202 1.09 10.49 -8.85
C VAL B 202 -0.10 11.26 -9.45
N ASP B 203 -1.11 11.52 -8.62
CA ASP B 203 -2.32 12.25 -9.03
C ASP B 203 -2.00 13.61 -9.66
N ILE B 204 -1.05 14.33 -9.09
CA ILE B 204 -0.70 15.65 -9.64
C ILE B 204 0.12 15.53 -10.94
N PHE B 205 0.94 14.48 -11.06
CA PHE B 205 1.70 14.24 -12.30
C PHE B 205 0.79 13.86 -13.47
N TYR B 206 -0.40 13.34 -13.18
CA TYR B 206 -1.37 12.94 -14.20
C TYR B 206 -2.18 14.13 -14.71
N GLU B 207 -2.50 15.04 -13.80
CA GLU B 207 -3.23 16.25 -14.16
C GLU B 207 -2.40 17.15 -15.07
N ALA B 208 -1.10 17.24 -14.78
CA ALA B 208 -0.18 18.03 -15.60
C ALA B 208 0.14 17.34 -16.92
N ALA B 209 0.29 16.02 -16.90
CA ALA B 209 0.48 15.24 -18.12
C ALA B 209 -0.75 15.28 -19.02
N ASN B 210 -1.82 15.91 -18.54
CA ASN B 210 -3.07 16.06 -19.29
C ASN B 210 -3.56 17.50 -19.39
N ALA B 211 -2.67 18.46 -19.15
CA ALA B 211 -3.03 19.87 -19.16
C ALA B 211 -2.51 20.60 -20.41
N SER B 212 -3.20 21.67 -20.80
CA SER B 212 -2.83 22.49 -21.95
C SER B 212 -2.60 21.61 -23.20
N GLY B 213 -3.66 20.93 -23.61
CA GLY B 213 -3.59 20.00 -24.74
C GLY B 213 -2.80 18.72 -24.54
N SER B 214 -2.06 18.59 -23.45
CA SER B 214 -1.20 17.42 -23.27
C SER B 214 -1.99 16.14 -23.00
N THR B 215 -1.33 15.02 -23.28
CA THR B 215 -1.79 13.69 -22.87
C THR B 215 -0.57 12.99 -22.30
N VAL B 216 -0.76 11.79 -21.77
CA VAL B 216 0.36 11.02 -21.21
C VAL B 216 1.34 10.53 -22.27
N ASP B 217 0.97 10.66 -23.55
CA ASP B 217 1.82 10.21 -24.65
C ASP B 217 3.07 11.07 -24.81
N TYR B 218 2.97 12.32 -24.37
CA TYR B 218 4.09 13.26 -24.39
C TYR B 218 5.00 13.12 -23.17
N VAL B 219 4.91 11.97 -22.48
CA VAL B 219 5.67 11.72 -21.26
C VAL B 219 6.44 10.41 -21.40
N HIS B 220 7.75 10.54 -21.55
CA HIS B 220 8.61 9.37 -21.76
C HIS B 220 9.08 8.76 -20.48
N GLY B 221 9.04 9.54 -19.40
CA GLY B 221 9.49 9.00 -18.14
C GLY B 221 9.58 10.00 -17.03
N PHE B 222 10.29 9.57 -15.99
CA PHE B 222 10.34 10.32 -14.74
C PHE B 222 11.76 10.25 -14.16
N ILE B 223 12.23 11.38 -13.65
CA ILE B 223 13.54 11.46 -13.00
C ILE B 223 13.43 11.92 -11.53
N SER B 224 14.17 11.25 -10.67
CA SER B 224 14.28 11.69 -9.30
C SER B 224 15.71 12.12 -8.97
N ASN B 225 15.82 12.90 -7.89
CA ASN B 225 17.10 13.32 -7.32
C ASN B 225 17.73 14.48 -8.09
N THR B 226 16.94 15.20 -8.92
CA THR B 226 17.52 16.27 -9.76
C THR B 226 18.23 17.31 -8.88
N ALA B 227 19.52 17.51 -9.11
CA ALA B 227 20.32 18.46 -8.33
C ALA B 227 20.27 18.15 -6.83
N ASN B 228 20.14 16.86 -6.50
CA ASN B 228 20.00 16.39 -5.12
C ASN B 228 21.04 15.34 -4.73
N TYR B 229 20.90 14.78 -3.53
CA TYR B 229 21.97 14.02 -2.87
C TYR B 229 21.54 12.69 -2.24
N SER B 230 20.33 12.21 -2.56
CA SER B 230 19.84 10.98 -1.92
C SER B 230 20.58 9.77 -2.45
N ALA B 231 20.82 8.80 -1.58
CA ALA B 231 21.49 7.55 -1.94
C ALA B 231 20.68 6.87 -3.03
N THR B 232 21.36 6.19 -3.95
CA THR B 232 20.66 5.37 -4.94
C THR B 232 20.31 4.05 -4.27
N VAL B 233 21.29 3.45 -3.61
CA VAL B 233 21.07 2.28 -2.76
C VAL B 233 21.71 2.52 -1.39
N GLU B 234 20.98 2.20 -0.32
CA GLU B 234 21.58 2.10 1.01
C GLU B 234 22.00 0.65 1.25
N PRO B 235 23.30 0.33 1.08
CA PRO B 235 23.74 -1.07 1.14
C PRO B 235 23.67 -1.70 2.53
N TYR B 236 23.72 -0.87 3.58
CA TYR B 236 23.75 -1.35 4.96
C TYR B 236 22.47 -1.01 5.75
N LEU B 237 21.45 -0.49 5.06
CA LEU B 237 20.17 -0.17 5.69
C LEU B 237 19.00 -0.66 4.85
N ASP B 238 18.21 -1.57 5.43
CA ASP B 238 16.95 -2.01 4.81
C ASP B 238 15.78 -1.29 5.47
N VAL B 239 14.85 -0.83 4.66
CA VAL B 239 13.72 -0.03 5.14
C VAL B 239 12.77 -0.83 6.04
N ASN B 240 12.71 -2.14 5.80
CA ASN B 240 11.88 -3.05 6.59
C ASN B 240 12.62 -3.58 7.83
N GLY B 241 13.92 -3.31 7.91
CA GLY B 241 14.79 -3.83 8.96
C GLY B 241 14.44 -3.44 10.39
N THR B 242 15.16 -4.03 11.33
CA THR B 242 14.94 -3.76 12.75
C THR B 242 16.29 -3.66 13.46
N VAL B 243 16.41 -2.71 14.39
CA VAL B 243 17.58 -2.59 15.27
C VAL B 243 17.13 -2.96 16.67
N ASN B 244 17.54 -4.15 17.11
CA ASN B 244 17.00 -4.77 18.31
C ASN B 244 15.47 -4.82 18.23
N GLY B 245 14.78 -4.19 19.18
CA GLY B 245 13.31 -4.18 19.17
C GLY B 245 12.70 -2.97 18.49
N GLN B 246 13.53 -1.99 18.16
CA GLN B 246 13.06 -0.80 17.44
C GLN B 246 13.14 -1.00 15.92
N LEU B 247 12.33 -0.24 15.19
CA LEU B 247 12.21 -0.37 13.74
C LEU B 247 13.07 0.67 13.03
N ILE B 248 13.70 0.26 11.94
CA ILE B 248 14.48 1.18 11.10
C ILE B 248 13.61 2.37 10.72
N ARG B 249 12.37 2.08 10.31
CA ARG B 249 11.37 3.10 9.95
C ARG B 249 11.09 4.10 11.07
N GLN B 250 11.44 3.73 12.30
CA GLN B 250 11.15 4.55 13.49
C GLN B 250 12.27 5.54 13.85
N SER B 251 13.37 5.51 13.11
CA SER B 251 14.47 6.42 13.35
CA SER B 251 14.48 6.42 13.34
C SER B 251 14.10 7.83 12.92
N LYS B 252 14.80 8.81 13.47
CA LYS B 252 14.58 10.21 13.15
C LYS B 252 14.80 10.48 11.65
N TRP B 253 15.89 9.91 11.11
CA TRP B 253 16.27 10.07 9.70
C TRP B 253 15.20 9.59 8.75
N VAL B 254 14.69 8.39 9.02
CA VAL B 254 13.68 7.76 8.15
C VAL B 254 12.27 8.34 8.40
N ASP B 255 11.92 8.50 9.68
CA ASP B 255 10.61 9.04 10.10
C ASP B 255 9.43 8.55 9.24
N TRP B 256 9.33 7.22 9.12
CA TRP B 256 8.20 6.54 8.49
C TRP B 256 8.07 6.73 7.00
N ASN B 257 9.18 7.06 6.35
CA ASN B 257 9.27 6.97 4.90
C ASN B 257 9.10 5.53 4.47
N GLN B 258 8.43 5.32 3.34
CA GLN B 258 8.36 3.99 2.75
C GLN B 258 9.73 3.51 2.25
N TYR B 259 10.62 4.47 2.01
CA TYR B 259 11.88 4.24 1.32
C TYR B 259 13.08 4.76 2.09
N VAL B 260 14.22 4.10 1.89
CA VAL B 260 15.50 4.56 2.42
C VAL B 260 16.39 5.08 1.29
N ASP B 261 16.11 4.66 0.06
CA ASP B 261 16.89 5.11 -1.11
C ASP B 261 16.04 5.49 -2.33
N GLU B 262 16.72 5.75 -3.46
CA GLU B 262 16.07 6.18 -4.72
C GLU B 262 15.62 5.06 -5.62
N LEU B 263 16.40 3.98 -5.69
CA LEU B 263 16.05 2.87 -6.56
C LEU B 263 14.63 2.39 -6.24
N SER B 264 14.41 2.01 -4.99
CA SER B 264 13.12 1.49 -4.55
CA SER B 264 13.11 1.49 -4.56
C SER B 264 11.97 2.48 -4.82
N PHE B 265 12.21 3.74 -4.47
CA PHE B 265 11.25 4.82 -4.63
C PHE B 265 10.82 5.06 -6.08
N VAL B 266 11.78 5.01 -7.00
CA VAL B 266 11.44 5.17 -8.43
C VAL B 266 10.85 3.88 -9.00
N GLN B 267 11.23 2.74 -8.44
CA GLN B 267 10.70 1.45 -8.92
C GLN B 267 9.22 1.25 -8.62
N ASP B 268 8.78 1.72 -7.46
CA ASP B 268 7.37 1.70 -7.07
C ASP B 268 6.62 2.89 -7.66
N LEU B 269 7.34 3.99 -7.91
CA LEU B 269 6.73 5.16 -8.53
C LEU B 269 6.30 4.80 -9.94
N ARG B 270 7.20 4.10 -10.66
CA ARG B 270 6.94 3.63 -12.00
C ARG B 270 5.72 2.71 -12.02
N GLN B 271 5.72 1.70 -11.15
CA GLN B 271 4.57 0.78 -10.99
C GLN B 271 3.25 1.52 -10.77
N ALA B 272 3.27 2.52 -9.90
CA ALA B 272 2.09 3.33 -9.58
C ALA B 272 1.64 4.25 -10.71
N LEU B 273 2.59 4.83 -11.45
CA LEU B 273 2.29 5.69 -12.59
C LEU B 273 1.72 4.89 -13.77
N ILE B 274 2.18 3.65 -13.92
CA ILE B 274 1.64 2.72 -14.92
C ILE B 274 0.20 2.34 -14.60
N ALA B 275 -0.07 2.10 -13.31
CA ALA B 275 -1.40 1.73 -12.84
C ALA B 275 -2.36 2.91 -12.99
N LYS B 276 -1.80 4.11 -12.97
CA LYS B 276 -2.58 5.34 -13.07
C LYS B 276 -2.91 5.74 -14.52
N GLY B 277 -2.23 5.16 -15.49
CA GLY B 277 -2.52 5.47 -16.89
C GLY B 277 -1.35 5.96 -17.72
N PHE B 278 -0.21 6.21 -17.07
CA PHE B 278 1.03 6.45 -17.82
C PHE B 278 1.41 5.14 -18.50
N ARG B 279 1.96 5.23 -19.71
CA ARG B 279 2.21 4.05 -20.55
C ARG B 279 3.11 3.03 -19.88
N SER B 280 2.93 1.76 -20.25
CA SER B 280 3.72 0.65 -19.74
C SER B 280 5.21 0.80 -20.07
N ASP B 281 5.53 1.66 -21.03
CA ASP B 281 6.91 1.85 -21.49
C ASP B 281 7.64 3.08 -20.91
N ILE B 282 7.09 3.67 -19.84
CA ILE B 282 7.76 4.81 -19.19
C ILE B 282 9.09 4.38 -18.56
N GLY B 283 9.98 5.34 -18.34
CA GLY B 283 11.28 5.05 -17.75
C GLY B 283 11.67 6.01 -16.64
N MET B 284 12.51 5.54 -15.74
CA MET B 284 12.94 6.33 -14.60
C MET B 284 14.39 6.76 -14.73
N LEU B 285 14.70 7.96 -14.23
CA LEU B 285 16.07 8.41 -14.16
C LEU B 285 16.42 8.83 -12.76
N ILE B 286 17.65 8.52 -12.34
CA ILE B 286 18.16 9.03 -11.08
C ILE B 286 19.36 9.92 -11.41
N ASP B 287 19.35 11.13 -10.84
CA ASP B 287 20.51 12.03 -10.97
C ASP B 287 21.56 11.59 -9.94
N THR B 288 22.63 10.95 -10.41
CA THR B 288 23.68 10.39 -9.53
C THR B 288 24.95 11.24 -9.46
N SER B 289 24.80 12.54 -9.75
CA SER B 289 25.95 13.44 -9.82
C SER B 289 26.67 13.65 -8.49
N ARG B 290 25.91 13.76 -7.40
CA ARG B 290 26.46 14.22 -6.13
C ARG B 290 25.88 13.43 -4.97
N ASN B 291 25.64 12.14 -5.22
CA ASN B 291 25.01 11.26 -4.24
C ASN B 291 25.87 10.04 -3.88
N GLY B 292 27.16 10.07 -4.22
CA GLY B 292 28.03 8.90 -4.03
C GLY B 292 28.52 8.70 -2.61
N TRP B 293 28.58 9.79 -1.85
CA TRP B 293 28.92 9.76 -0.42
C TRP B 293 30.11 8.91 -0.07
N GLY B 294 31.22 9.11 -0.77
CA GLY B 294 32.43 8.32 -0.51
C GLY B 294 33.43 9.03 0.39
N GLY B 295 34.66 8.54 0.43
CA GLY B 295 35.69 9.09 1.30
C GLY B 295 35.62 8.51 2.70
N PRO B 296 36.64 8.79 3.54
CA PRO B 296 36.76 8.23 4.90
C PRO B 296 35.47 8.16 5.71
N ASN B 297 34.60 9.17 5.55
CA ASN B 297 33.40 9.26 6.38
C ASN B 297 32.25 8.34 5.91
N ARG B 298 32.46 7.61 4.81
CA ARG B 298 31.52 6.58 4.36
C ARG B 298 31.57 5.41 5.34
N PRO B 299 30.39 4.93 5.78
CA PRO B 299 30.37 3.70 6.56
C PRO B 299 30.94 2.55 5.75
N THR B 300 31.66 1.66 6.43
CA THR B 300 32.23 0.48 5.80
C THR B 300 31.28 -0.72 5.88
N GLY B 301 30.28 -0.62 6.75
CA GLY B 301 29.30 -1.70 6.94
C GLY B 301 28.18 -1.38 7.91
N PRO B 302 27.32 -2.38 8.20
CA PRO B 302 26.27 -2.20 9.19
C PRO B 302 26.86 -2.03 10.59
N SER B 303 26.42 -0.99 11.30
CA SER B 303 26.91 -0.66 12.63
C SER B 303 26.65 -1.78 13.65
N SER B 304 27.55 -1.89 14.62
CA SER B 304 27.37 -2.81 15.74
C SER B 304 26.60 -2.15 16.90
N SER B 305 26.04 -0.97 16.65
CA SER B 305 25.34 -0.19 17.68
C SER B 305 23.91 -0.64 17.96
N THR B 306 23.48 -0.43 19.21
CA THR B 306 22.14 -0.85 19.67
C THR B 306 21.18 0.34 19.87
N ASP B 307 21.73 1.56 19.86
CA ASP B 307 20.94 2.79 19.95
C ASP B 307 20.44 3.17 18.55
N LEU B 308 19.13 3.03 18.33
CA LEU B 308 18.51 3.13 16.99
C LEU B 308 19.07 4.24 16.09
N ASN B 309 18.97 5.49 16.54
CA ASN B 309 19.44 6.62 15.74
C ASN B 309 20.95 6.60 15.51
N THR B 310 21.73 6.32 16.57
CA THR B 310 23.17 6.10 16.40
C THR B 310 23.43 5.05 15.33
N TYR B 311 22.76 3.90 15.42
CA TYR B 311 22.91 2.84 14.41
C TYR B 311 22.59 3.35 12.99
N VAL B 312 21.38 3.87 12.79
CA VAL B 312 20.94 4.28 11.46
C VAL B 312 21.92 5.30 10.89
N ASP B 313 22.29 6.28 11.70
CA ASP B 313 23.22 7.33 11.28
C ASP B 313 24.62 6.81 10.95
N GLU B 314 25.11 5.83 11.72
CA GLU B 314 26.42 5.23 11.42
C GLU B 314 26.33 4.22 10.27
N SER B 315 25.11 3.94 9.82
CA SER B 315 24.87 2.91 8.81
C SER B 315 24.46 3.48 7.45
N ARG B 316 23.86 4.66 7.45
CA ARG B 316 23.45 5.32 6.20
C ARG B 316 24.63 5.93 5.45
N ILE B 317 24.63 5.76 4.13
CA ILE B 317 25.61 6.48 3.30
C ILE B 317 25.28 7.98 3.14
N ASP B 318 24.00 8.31 2.93
CA ASP B 318 23.54 9.71 2.91
C ASP B 318 23.69 10.29 4.31
N ARG B 319 24.75 11.07 4.53
CA ARG B 319 25.10 11.53 5.88
C ARG B 319 24.58 12.95 6.22
N ARG B 320 23.53 13.38 5.52
CA ARG B 320 22.94 14.71 5.75
C ARG B 320 22.12 14.77 7.06
N ILE B 321 21.92 15.98 7.58
CA ILE B 321 21.12 16.20 8.80
C ILE B 321 19.65 15.89 8.57
N HIS B 322 19.20 16.01 7.33
CA HIS B 322 17.81 15.82 6.96
C HIS B 322 17.67 15.75 5.47
N PRO B 323 16.65 15.02 4.96
CA PRO B 323 16.43 14.97 3.50
C PRO B 323 16.07 16.32 2.89
N GLY B 324 15.61 17.27 3.69
CA GLY B 324 15.22 18.57 3.20
C GLY B 324 16.40 19.49 2.93
N ASN B 325 17.61 18.99 3.17
CA ASN B 325 18.83 19.77 3.01
C ASN B 325 19.45 19.62 1.61
N TRP B 326 19.18 20.61 0.76
CA TRP B 326 19.38 20.51 -0.68
C TRP B 326 20.56 21.24 -1.26
N CYS B 327 21.09 22.22 -0.53
CA CYS B 327 22.05 23.15 -1.11
C CYS B 327 23.50 23.01 -0.65
N ASN B 328 24.41 23.22 -1.62
CA ASN B 328 25.87 23.22 -1.40
C ASN B 328 26.26 22.34 -0.23
N GLN B 329 25.82 21.08 -0.27
CA GLN B 329 25.83 20.20 0.90
C GLN B 329 27.22 19.77 1.32
N ALA B 330 27.55 20.04 2.58
CA ALA B 330 28.86 19.77 3.12
C ALA B 330 29.07 18.26 3.29
N GLY B 331 30.11 17.74 2.66
CA GLY B 331 30.45 16.32 2.79
C GLY B 331 30.14 15.47 1.57
N ALA B 332 29.42 16.07 0.61
CA ALA B 332 28.98 15.36 -0.59
C ALA B 332 30.11 14.84 -1.48
N GLY B 333 29.80 13.82 -2.27
CA GLY B 333 30.73 13.26 -3.24
C GLY B 333 30.07 12.87 -4.55
N LEU B 334 30.88 12.78 -5.60
CA LEU B 334 30.43 12.26 -6.91
C LEU B 334 29.92 10.84 -6.73
N GLY B 335 28.85 10.52 -7.46
CA GLY B 335 28.28 9.18 -7.45
C GLY B 335 28.59 8.39 -8.70
N GLU B 336 27.77 7.37 -8.97
CA GLU B 336 27.95 6.50 -10.12
C GLU B 336 27.95 7.35 -11.38
N ARG B 337 28.98 7.19 -12.20
CA ARG B 337 29.02 7.94 -13.46
C ARG B 337 27.93 7.41 -14.39
N PRO B 338 27.41 8.27 -15.28
CA PRO B 338 26.28 7.93 -16.17
C PRO B 338 26.39 6.52 -16.77
N THR B 339 25.27 5.78 -16.78
CA THR B 339 25.25 4.41 -17.32
C THR B 339 23.83 3.92 -17.66
N VAL B 340 23.73 3.07 -18.68
CA VAL B 340 22.46 2.65 -19.25
C VAL B 340 21.81 1.51 -18.48
N ASN B 341 20.48 1.58 -18.40
CA ASN B 341 19.63 0.58 -17.76
C ASN B 341 20.29 -0.13 -16.58
N PRO B 342 20.61 0.63 -15.51
CA PRO B 342 21.36 0.06 -14.38
C PRO B 342 20.50 -0.74 -13.39
N ALA B 343 19.21 -0.81 -13.62
CA ALA B 343 18.29 -1.55 -12.74
C ALA B 343 16.93 -1.69 -13.42
N PRO B 344 16.11 -2.66 -12.96
CA PRO B 344 14.78 -2.84 -13.55
C PRO B 344 13.98 -1.54 -13.62
N GLY B 345 13.45 -1.26 -14.82
CA GLY B 345 12.59 -0.10 -15.02
C GLY B 345 13.32 1.23 -15.03
N VAL B 346 14.65 1.20 -14.87
CA VAL B 346 15.42 2.44 -14.87
C VAL B 346 16.20 2.58 -16.18
N ASP B 347 15.88 3.63 -16.95
CA ASP B 347 16.54 3.90 -18.23
C ASP B 347 18.05 4.09 -18.06
N ALA B 348 18.45 4.93 -17.10
CA ALA B 348 19.84 5.31 -16.88
C ALA B 348 20.02 6.12 -15.60
N TYR B 349 21.22 6.05 -15.02
CA TYR B 349 21.66 7.00 -14.02
C TYR B 349 22.41 8.07 -14.76
N VAL B 350 22.23 9.32 -14.34
CA VAL B 350 22.71 10.44 -15.13
C VAL B 350 23.29 11.55 -14.25
N TRP B 351 24.03 12.44 -14.89
CA TRP B 351 24.50 13.64 -14.25
C TRP B 351 23.74 14.79 -14.84
N VAL B 352 22.88 15.40 -14.03
CA VAL B 352 22.04 16.51 -14.46
C VAL B 352 22.58 17.83 -13.94
N LYS B 353 22.68 17.98 -12.62
CA LYS B 353 23.56 18.97 -12.03
C LYS B 353 24.99 18.64 -12.46
N PRO B 354 25.71 19.64 -12.99
CA PRO B 354 27.11 19.55 -13.34
C PRO B 354 27.94 19.66 -12.06
N PRO B 355 28.64 18.59 -11.67
CA PRO B 355 29.40 18.66 -10.40
C PRO B 355 30.42 19.78 -10.41
N GLY B 356 30.35 20.63 -9.38
CA GLY B 356 31.26 21.76 -9.21
C GLY B 356 30.61 23.13 -9.39
N GLU B 357 29.37 23.14 -9.89
CA GLU B 357 28.60 24.36 -10.04
C GLU B 357 27.74 24.63 -8.82
N SER B 358 27.72 25.88 -8.34
CA SER B 358 27.06 26.24 -7.10
C SER B 358 25.54 26.07 -7.14
N ASP B 359 24.98 25.54 -6.05
CA ASP B 359 23.53 25.36 -5.87
C ASP B 359 22.89 26.67 -5.50
N GLY B 360 23.70 27.59 -4.98
CA GLY B 360 23.25 28.94 -4.63
C GLY B 360 24.25 29.66 -3.73
N ALA B 361 24.27 30.99 -3.84
CA ALA B 361 25.12 31.85 -3.00
C ALA B 361 24.88 31.60 -1.53
N SER B 362 25.96 31.54 -0.74
CA SER B 362 25.88 31.33 0.69
C SER B 362 25.77 32.64 1.45
N GLU B 363 25.81 33.76 0.73
CA GLU B 363 25.67 35.09 1.33
C GLU B 363 25.14 36.12 0.34
N GLU B 364 24.87 37.34 0.84
CA GLU B 364 24.37 38.44 0.02
C GLU B 364 25.42 38.99 -0.93
N ILE B 365 25.29 38.63 -2.21
CA ILE B 365 26.20 39.08 -3.25
C ILE B 365 25.38 39.79 -4.32
N PRO B 366 25.39 41.13 -4.29
CA PRO B 366 24.63 41.95 -5.25
C PRO B 366 25.04 41.65 -6.67
N ASN B 367 24.05 41.44 -7.53
CA ASN B 367 24.29 41.01 -8.90
C ASN B 367 23.31 41.64 -9.89
N ASP B 368 23.46 41.28 -11.17
CA ASP B 368 22.62 41.81 -12.25
C ASP B 368 21.76 40.72 -12.89
N GLU B 369 21.27 39.80 -12.06
CA GLU B 369 20.53 38.63 -12.56
C GLU B 369 19.23 38.32 -11.83
N GLY B 370 18.88 39.14 -10.83
CA GLY B 370 17.72 38.90 -9.99
C GLY B 370 17.91 37.68 -9.11
N LYS B 371 19.16 37.38 -8.79
CA LYS B 371 19.47 36.24 -7.93
C LYS B 371 19.58 36.65 -6.45
N GLY B 372 18.45 36.57 -5.75
CA GLY B 372 18.35 36.94 -4.34
C GLY B 372 18.95 35.88 -3.43
N PHE B 373 19.29 36.29 -2.22
CA PHE B 373 19.93 35.42 -1.24
C PHE B 373 18.90 34.49 -0.59
N ASP B 374 19.14 33.18 -0.72
CA ASP B 374 18.29 32.12 -0.15
C ASP B 374 19.07 31.44 0.97
N ARG B 375 18.51 31.49 2.17
CA ARG B 375 19.24 31.06 3.37
C ARG B 375 19.34 29.54 3.56
N MET B 376 18.70 28.76 2.70
CA MET B 376 18.94 27.32 2.70
C MET B 376 20.34 26.97 2.18
N CYS B 377 20.98 27.96 1.56
CA CYS B 377 22.38 27.88 1.18
C CYS B 377 23.29 28.61 2.18
N ASP B 378 22.69 29.30 3.17
CA ASP B 378 23.44 29.97 4.25
C ASP B 378 23.73 29.00 5.38
N PRO B 379 25.02 28.72 5.64
CA PRO B 379 25.45 27.83 6.71
C PRO B 379 24.82 28.17 8.07
N THR B 380 24.81 29.45 8.43
CA THR B 380 24.28 29.89 9.72
C THR B 380 22.76 29.82 9.87
N TYR B 381 22.05 29.52 8.78
CA TYR B 381 20.60 29.46 8.81
C TYR B 381 20.11 28.22 9.57
N GLN B 382 19.11 28.41 10.42
CA GLN B 382 18.62 27.37 11.32
C GLN B 382 17.38 26.66 10.78
N GLY B 383 17.11 26.86 9.49
CA GLY B 383 16.07 26.11 8.77
C GLY B 383 14.65 26.47 9.14
N ASN B 384 13.74 25.56 8.80
CA ASN B 384 12.30 25.74 8.97
C ASN B 384 11.57 24.39 8.88
N ALA B 385 10.24 24.40 9.00
CA ALA B 385 9.44 23.16 9.00
C ALA B 385 9.66 22.27 7.78
N ARG B 386 10.18 22.84 6.69
CA ARG B 386 10.42 22.08 5.47
C ARG B 386 11.73 21.29 5.48
N ASN B 387 12.61 21.59 6.44
CA ASN B 387 13.82 20.79 6.67
C ASN B 387 13.94 20.30 8.12
N GLY B 388 12.89 20.54 8.91
CA GLY B 388 12.86 20.18 10.32
C GLY B 388 13.58 21.19 11.20
N ASN B 389 13.37 22.48 10.91
CA ASN B 389 14.05 23.59 11.59
C ASN B 389 15.51 23.26 11.95
N ASN B 390 16.18 22.62 10.99
CA ASN B 390 17.55 22.12 11.15
C ASN B 390 18.56 23.08 10.57
N PRO B 391 19.87 22.88 10.87
CA PRO B 391 20.86 23.66 10.13
C PRO B 391 20.85 23.23 8.68
N SER B 392 21.21 24.13 7.78
CA SER B 392 21.15 23.87 6.33
C SER B 392 22.13 22.78 5.89
N GLY B 393 23.32 22.79 6.49
CA GLY B 393 24.39 21.87 6.10
C GLY B 393 25.07 22.36 4.84
N ALA B 394 24.79 23.60 4.49
CA ALA B 394 25.27 24.22 3.26
C ALA B 394 26.66 24.79 3.45
N LEU B 395 27.54 24.49 2.50
CA LEU B 395 28.91 24.98 2.50
C LEU B 395 29.01 26.49 2.61
N PRO B 396 30.08 26.99 3.28
CA PRO B 396 30.34 28.43 3.30
C PRO B 396 31.04 28.87 2.03
N ASN B 397 31.13 30.19 1.86
CA ASN B 397 31.83 30.81 0.73
CA ASN B 397 31.82 30.82 0.72
C ASN B 397 31.51 30.15 -0.62
N ALA B 398 30.22 29.96 -0.88
CA ALA B 398 29.76 29.43 -2.15
C ALA B 398 29.31 30.62 -2.98
N PRO B 399 29.60 30.59 -4.29
CA PRO B 399 29.18 31.70 -5.14
C PRO B 399 27.73 31.54 -5.61
N ILE B 400 27.24 32.54 -6.33
CA ILE B 400 25.88 32.56 -6.88
C ILE B 400 25.62 31.28 -7.68
N SER B 401 24.35 30.87 -7.75
CA SER B 401 23.95 29.65 -8.45
CA SER B 401 23.95 29.65 -8.45
C SER B 401 24.49 29.61 -9.88
N GLY B 402 25.03 28.46 -10.27
CA GLY B 402 25.56 28.25 -11.60
C GLY B 402 27.03 28.58 -11.75
N HIS B 403 27.57 29.37 -10.83
CA HIS B 403 28.98 29.73 -10.84
C HIS B 403 29.84 28.60 -10.34
N TRP B 404 31.12 28.62 -10.71
CA TRP B 404 32.05 27.58 -10.32
C TRP B 404 32.43 27.71 -8.87
N PHE B 405 32.28 26.61 -8.14
CA PHE B 405 32.53 26.55 -6.71
C PHE B 405 33.66 25.55 -6.45
N SER B 406 34.90 26.05 -6.57
CA SER B 406 36.11 25.25 -6.50
C SER B 406 36.20 24.25 -5.35
N ALA B 407 35.91 24.72 -4.14
CA ALA B 407 36.01 23.90 -2.93
C ALA B 407 35.10 22.67 -2.97
N GLN B 408 33.88 22.86 -3.47
CA GLN B 408 32.90 21.78 -3.57
C GLN B 408 33.31 20.73 -4.59
N PHE B 409 33.72 21.18 -5.78
CA PHE B 409 34.19 20.25 -6.81
C PHE B 409 35.32 19.41 -6.22
N ARG B 410 36.18 20.09 -5.47
CA ARG B 410 37.29 19.45 -4.80
C ARG B 410 36.83 18.35 -3.84
N GLU B 411 35.83 18.62 -3.01
CA GLU B 411 35.32 17.58 -2.10
C GLU B 411 34.63 16.42 -2.84
N LEU B 412 33.90 16.73 -3.89
CA LEU B 412 33.17 15.71 -4.67
C LEU B 412 34.07 14.62 -5.23
N LEU B 413 35.20 15.04 -5.82
CA LEU B 413 36.18 14.13 -6.42
C LEU B 413 36.81 13.21 -5.37
N ALA B 414 37.34 13.82 -4.31
CA ALA B 414 37.91 13.10 -3.19
C ALA B 414 36.94 12.07 -2.61
N ASN B 415 35.66 12.46 -2.54
CA ASN B 415 34.61 11.60 -1.98
C ASN B 415 33.82 10.80 -3.01
N ALA B 416 34.40 10.59 -4.19
CA ALA B 416 33.74 9.84 -5.26
C ALA B 416 33.54 8.37 -4.88
N TYR B 417 32.31 7.89 -5.00
CA TYR B 417 32.05 6.46 -4.89
C TYR B 417 31.18 5.99 -6.06
N PRO B 418 31.58 4.90 -6.73
CA PRO B 418 32.82 4.11 -6.56
C PRO B 418 34.07 4.93 -6.89
N PRO B 419 35.17 4.69 -6.16
CA PRO B 419 36.37 5.51 -6.30
C PRO B 419 36.91 5.67 -7.71
N LEU B 420 37.45 6.87 -7.97
CA LEU B 420 38.21 7.16 -9.17
C LEU B 420 39.64 6.64 -8.99
#